data_7H8I
#
_entry.id   7H8I
#
_cell.length_a   87.116
_cell.length_b   87.116
_cell.length_c   85.106
_cell.angle_alpha   90.00
_cell.angle_beta   90.00
_cell.angle_gamma   120.00
#
_symmetry.space_group_name_H-M   'P 31'
#
loop_
_entity.id
_entity.type
_entity.pdbx_description
1 polymer 'Non-structural protein 3'
2 non-polymer 'DIMETHYL SULFOXIDE'
3 non-polymer 2-AMINO-2-HYDROXYMETHYL-PROPANE-1,3-DIOL
4 non-polymer 'CHLORIDE ION'
5 non-polymer 1,4,6-trimethyl-1,2-dihydro-3H-pyrazolo[3,4-b]pyridin-3-one
6 water water
#
_entity_poly.entity_id   1
_entity_poly.type   'polypeptide(L)'
_entity_poly.pdbx_seq_one_letter_code
;GAMAPSYRVKRMDIAKNDEECVVNAANPRGLPGDGVCKAVYKKWPESFKNSATPVGTAKTVMCGTYPVIHAVGPNFSNYT
ESEGDRELAAAYREVAKEVTRLGVNSVAIPLLSTGVYSGGKDRLTQSLNHLFTAMDSTDADVVIYCRDKEWEKKISEAIQ
MRT
;
_entity_poly.pdbx_strand_id   A,B,C,D
#
loop_
_chem_comp.id
_chem_comp.type
_chem_comp.name
_chem_comp.formula
A1AQH non-polymer 1,4,6-trimethyl-1,2-dihydro-3H-pyrazolo[3,4-b]pyridin-3-one 'C9 H11 N3 O'
CL non-polymer 'CHLORIDE ION' 'Cl -1'
DMS non-polymer 'DIMETHYL SULFOXIDE' 'C2 H6 O S'
TRS non-polymer 2-AMINO-2-HYDROXYMETHYL-PROPANE-1,3-DIOL 'C4 H12 N O3 1'
#
# COMPACT_ATOMS: atom_id res chain seq x y z
N GLY A 1 -18.17 -5.50 -15.55
CA GLY A 1 -19.28 -4.62 -15.03
C GLY A 1 -19.90 -5.19 -13.77
N ALA A 2 -20.67 -4.37 -13.02
CA ALA A 2 -21.45 -4.83 -11.85
C ALA A 2 -22.63 -5.66 -12.36
N MET A 3 -23.05 -6.66 -11.57
CA MET A 3 -24.14 -7.61 -11.97
C MET A 3 -25.47 -6.85 -12.12
N ALA A 4 -25.74 -5.89 -11.25
CA ALA A 4 -26.95 -5.04 -11.33
C ALA A 4 -26.54 -3.60 -11.02
N PRO A 5 -25.91 -2.93 -12.01
CA PRO A 5 -25.36 -1.60 -11.79
C PRO A 5 -26.30 -0.68 -11.00
N SER A 6 -25.78 -0.06 -9.94
CA SER A 6 -26.57 0.76 -9.00
C SER A 6 -25.93 2.13 -8.81
N TYR A 7 -26.70 3.04 -8.22
CA TYR A 7 -26.23 4.30 -7.63
C TYR A 7 -26.52 4.22 -6.14
N ARG A 8 -25.54 4.67 -5.36
CA ARG A 8 -25.67 4.79 -3.90
C ARG A 8 -25.05 6.12 -3.51
N VAL A 9 -25.41 6.60 -2.34
CA VAL A 9 -24.79 7.79 -1.76
C VAL A 9 -24.35 7.47 -0.33
N LYS A 10 -23.16 7.92 0.02
CA LYS A 10 -22.66 7.86 1.42
C LYS A 10 -22.18 9.24 1.85
N ARG A 11 -22.40 9.54 3.12
CA ARG A 11 -21.94 10.79 3.75
C ARG A 11 -20.70 10.44 4.57
N MET A 12 -19.54 10.60 3.94
CA MET A 12 -18.25 10.32 4.58
C MET A 12 -17.15 10.81 3.63
N ASP A 13 -15.94 10.78 4.13
CA ASP A 13 -14.71 11.14 3.38
C ASP A 13 -14.53 10.16 2.21
N ILE A 14 -14.50 10.65 0.98
CA ILE A 14 -14.24 9.83 -0.23
C ILE A 14 -12.85 9.17 -0.16
N ALA A 15 -11.90 9.71 0.61
CA ALA A 15 -10.60 9.08 0.86
C ALA A 15 -10.74 7.72 1.56
N LYS A 16 -11.89 7.38 2.16
CA LYS A 16 -12.13 6.09 2.84
C LYS A 16 -13.11 5.23 2.02
N ASN A 17 -13.27 5.50 0.73
CA ASN A 17 -14.22 4.78 -0.12
C ASN A 17 -13.90 3.28 -0.18
N ASP A 18 -14.91 2.50 -0.51
CA ASP A 18 -14.84 1.03 -0.65
C ASP A 18 -15.06 0.65 -2.11
N GLU A 19 -14.60 1.48 -3.05
CA GLU A 19 -14.77 1.20 -4.49
C GLU A 19 -13.42 0.96 -5.17
N GLU A 20 -13.47 0.51 -6.40
CA GLU A 20 -12.26 0.07 -7.13
C GLU A 20 -11.47 1.24 -7.70
N CYS A 21 -12.02 2.45 -7.70
CA CYS A 21 -11.31 3.67 -8.16
C CYS A 21 -12.04 4.88 -7.60
N VAL A 22 -11.37 6.00 -7.64
CA VAL A 22 -11.89 7.24 -7.06
C VAL A 22 -11.83 8.34 -8.12
N VAL A 23 -12.84 9.18 -8.13
CA VAL A 23 -12.78 10.44 -8.90
C VAL A 23 -12.37 11.58 -7.98
N ASN A 24 -11.32 12.30 -8.35
CA ASN A 24 -10.89 13.50 -7.61
C ASN A 24 -11.60 14.70 -8.20
N ALA A 25 -12.13 15.57 -7.36
CA ALA A 25 -12.57 16.94 -7.76
C ALA A 25 -11.31 17.81 -7.80
N ALA A 26 -10.59 17.69 -8.90
CA ALA A 26 -9.24 18.27 -9.11
C ALA A 26 -9.31 19.74 -9.54
N ASN A 27 -8.16 20.40 -9.39
CA ASN A 27 -7.90 21.70 -10.03
C ASN A 27 -7.11 21.41 -11.29
N PRO A 28 -7.11 22.36 -12.24
CA PRO A 28 -6.45 22.12 -13.53
C PRO A 28 -4.92 21.95 -13.43
N ARG A 29 -4.34 22.38 -12.33
CA ARG A 29 -2.86 22.45 -12.20
C ARG A 29 -2.31 21.25 -11.48
N GLY A 30 -3.16 20.32 -11.02
CA GLY A 30 -2.64 19.15 -10.27
C GLY A 30 -2.08 19.56 -8.93
N LEU A 31 -2.63 20.62 -8.32
CA LEU A 31 -2.18 21.11 -7.00
C LEU A 31 -2.95 20.41 -5.91
N PRO A 32 -2.40 20.31 -4.69
CA PRO A 32 -3.08 19.60 -3.61
C PRO A 32 -4.45 20.20 -3.30
N GLY A 33 -4.60 21.52 -3.50
CA GLY A 33 -5.90 22.20 -3.40
C GLY A 33 -6.53 22.11 -2.02
N ASP A 34 -7.85 22.12 -1.93
CA ASP A 34 -8.58 22.02 -0.64
C ASP A 34 -9.85 21.18 -0.83
N GLY A 35 -10.53 20.86 0.26
CA GLY A 35 -11.74 20.02 0.25
C GLY A 35 -11.44 18.59 -0.19
N VAL A 36 -12.24 18.03 -1.11
CA VAL A 36 -12.06 16.64 -1.63
C VAL A 36 -10.64 16.51 -2.16
N CYS A 37 -10.17 17.52 -2.90
CA CYS A 37 -8.87 17.46 -3.61
C CYS A 37 -7.75 17.22 -2.60
N LYS A 38 -7.83 17.91 -1.45
CA LYS A 38 -6.77 17.84 -0.41
C LYS A 38 -6.84 16.47 0.26
N ALA A 39 -8.03 15.93 0.48
CA ALA A 39 -8.20 14.58 1.11
C ALA A 39 -7.62 13.54 0.16
N VAL A 40 -7.84 13.71 -1.14
CA VAL A 40 -7.30 12.80 -2.18
C VAL A 40 -5.78 12.92 -2.21
N TYR A 41 -5.25 14.15 -2.10
CA TYR A 41 -3.80 14.37 -2.10
C TYR A 41 -3.17 13.68 -0.89
N LYS A 42 -3.79 13.77 0.27
CA LYS A 42 -3.26 13.13 1.51
C LYS A 42 -3.27 11.61 1.38
N LYS A 43 -4.29 11.04 0.74
CA LYS A 43 -4.50 9.57 0.65
C LYS A 43 -3.69 8.97 -0.50
N TRP A 44 -3.65 9.62 -1.65
CA TRP A 44 -3.05 9.11 -2.90
C TRP A 44 -2.11 10.13 -3.51
N PRO A 45 -1.14 10.69 -2.77
CA PRO A 45 -0.27 11.75 -3.28
C PRO A 45 0.48 11.37 -4.57
N GLU A 46 0.80 10.09 -4.71
CA GLU A 46 1.51 9.55 -5.90
C GLU A 46 0.68 9.84 -7.15
N SER A 47 -0.64 9.91 -7.00
CA SER A 47 -1.54 10.07 -8.17
C SER A 47 -1.45 11.49 -8.71
N PHE A 48 -0.73 12.40 -8.05
CA PHE A 48 -0.63 13.79 -8.53
C PHE A 48 0.60 14.00 -9.40
N LYS A 49 1.28 12.93 -9.81
CA LYS A 49 2.36 13.06 -10.82
C LYS A 49 1.75 13.34 -12.20
N ASN A 50 1.97 14.52 -12.75
CA ASN A 50 1.47 14.92 -14.09
C ASN A 50 -0.04 14.71 -14.13
N SER A 51 -0.72 15.11 -13.06
CA SER A 51 -2.20 15.08 -13.02
C SER A 51 -2.85 16.34 -13.63
N ALA A 52 -2.10 17.42 -13.85
CA ALA A 52 -2.64 18.68 -14.42
C ALA A 52 -3.37 18.36 -15.72
N THR A 53 -4.55 18.97 -15.91
CA THR A 53 -5.42 18.70 -17.08
C THR A 53 -6.42 19.85 -17.19
N PRO A 54 -6.92 20.20 -18.38
CA PRO A 54 -7.79 21.36 -18.54
C PRO A 54 -9.17 21.20 -17.91
N VAL A 55 -9.85 22.33 -17.73
CA VAL A 55 -11.27 22.34 -17.26
C VAL A 55 -12.09 21.49 -18.24
N GLY A 56 -13.01 20.67 -17.71
CA GLY A 56 -13.90 19.85 -18.54
C GLY A 56 -13.28 18.53 -19.00
N THR A 57 -12.13 18.15 -18.42
CA THR A 57 -11.41 16.89 -18.77
C THR A 57 -11.20 16.05 -17.52
N ALA A 58 -10.77 14.80 -17.74
CA ALA A 58 -10.42 13.86 -16.67
C ALA A 58 -9.13 13.19 -17.07
N LYS A 59 -8.21 13.06 -16.14
CA LYS A 59 -6.91 12.44 -16.40
C LYS A 59 -6.73 11.44 -15.27
N THR A 60 -6.49 10.18 -15.61
CA THR A 60 -6.29 9.14 -14.59
C THR A 60 -4.80 8.96 -14.33
N VAL A 61 -4.43 8.86 -13.07
CA VAL A 61 -3.04 8.53 -12.65
C VAL A 61 -3.17 7.47 -11.59
N MET A 62 -2.36 6.43 -11.67
N MET A 62 -2.37 6.41 -11.71
CA MET A 62 -2.42 5.25 -10.77
CA MET A 62 -2.36 5.27 -10.75
C MET A 62 -1.63 5.56 -9.50
C MET A 62 -1.68 5.71 -9.46
N CYS A 63 -2.20 5.25 -8.33
CA CYS A 63 -1.49 5.23 -7.05
C CYS A 63 -1.31 3.74 -6.75
N GLY A 64 -0.13 3.18 -7.01
CA GLY A 64 0.00 1.71 -7.04
C GLY A 64 -0.77 1.18 -8.23
N THR A 65 -1.79 0.35 -7.97
CA THR A 65 -2.74 -0.13 -9.00
C THR A 65 -4.13 0.47 -8.77
N TYR A 66 -4.25 1.44 -7.87
CA TYR A 66 -5.55 2.07 -7.55
C TYR A 66 -5.71 3.30 -8.44
N PRO A 67 -6.71 3.38 -9.34
CA PRO A 67 -6.86 4.54 -10.23
C PRO A 67 -7.50 5.76 -9.57
N VAL A 68 -6.86 6.92 -9.74
CA VAL A 68 -7.37 8.25 -9.30
C VAL A 68 -7.70 8.99 -10.59
N ILE A 69 -8.99 9.26 -10.81
CA ILE A 69 -9.49 9.94 -12.03
C ILE A 69 -9.62 11.42 -11.62
N HIS A 70 -8.66 12.25 -12.05
CA HIS A 70 -8.64 13.70 -11.75
C HIS A 70 -9.64 14.37 -12.67
N ALA A 71 -10.83 14.68 -12.19
CA ALA A 71 -11.86 15.35 -13.03
C ALA A 71 -11.94 16.84 -12.68
N VAL A 72 -11.71 17.71 -13.67
CA VAL A 72 -11.64 19.18 -13.45
C VAL A 72 -12.97 19.86 -13.85
N GLY A 73 -13.81 20.07 -12.86
CA GLY A 73 -15.03 20.87 -13.05
C GLY A 73 -14.67 22.34 -13.20
N PRO A 74 -15.56 23.13 -13.79
CA PRO A 74 -15.37 24.57 -13.86
C PRO A 74 -15.54 25.27 -12.49
N ASN A 75 -14.76 26.33 -12.29
CA ASN A 75 -15.00 27.25 -11.14
C ASN A 75 -16.02 28.30 -11.62
N PHE A 76 -17.23 28.21 -11.10
CA PHE A 76 -18.32 29.12 -11.51
C PHE A 76 -18.06 30.57 -11.04
N SER A 77 -17.01 30.85 -10.28
CA SER A 77 -16.56 32.26 -10.05
C SER A 77 -16.03 32.84 -11.37
N ASN A 78 -15.50 31.98 -12.25
CA ASN A 78 -14.76 32.41 -13.45
C ASN A 78 -15.59 32.24 -14.70
N TYR A 79 -16.42 31.18 -14.76
CA TYR A 79 -17.22 30.83 -15.96
C TYR A 79 -18.58 31.52 -15.88
N THR A 80 -19.18 31.85 -17.01
CA THR A 80 -20.62 32.17 -17.11
C THR A 80 -21.42 30.90 -16.73
N GLU A 81 -22.66 31.05 -16.26
CA GLU A 81 -23.53 29.87 -15.98
C GLU A 81 -23.59 28.96 -17.20
N SER A 82 -23.73 29.52 -18.39
CA SER A 82 -23.84 28.77 -19.65
C SER A 82 -22.57 27.93 -19.90
N GLU A 83 -21.41 28.58 -19.86
CA GLU A 83 -20.13 27.93 -20.21
C GLU A 83 -19.76 26.95 -19.11
N GLY A 84 -20.02 27.32 -17.87
CA GLY A 84 -19.70 26.47 -16.73
C GLY A 84 -20.56 25.21 -16.79
N ASP A 85 -21.83 25.38 -17.11
CA ASP A 85 -22.74 24.24 -17.29
C ASP A 85 -22.16 23.27 -18.33
N ARG A 86 -21.69 23.79 -19.47
CA ARG A 86 -21.11 22.99 -20.58
C ARG A 86 -19.88 22.22 -20.08
N GLU A 87 -18.97 22.91 -19.38
CA GLU A 87 -17.71 22.30 -18.90
C GLU A 87 -18.03 21.26 -17.83
N LEU A 88 -19.04 21.49 -17.00
CA LEU A 88 -19.37 20.56 -15.90
C LEU A 88 -19.93 19.26 -16.51
N ALA A 89 -20.81 19.37 -17.52
CA ALA A 89 -21.31 18.21 -18.26
C ALA A 89 -20.13 17.47 -18.89
N ALA A 90 -19.18 18.18 -19.49
CA ALA A 90 -18.05 17.58 -20.19
C ALA A 90 -17.18 16.81 -19.20
N ALA A 91 -16.83 17.42 -18.06
CA ALA A 91 -15.96 16.73 -17.09
C ALA A 91 -16.58 15.36 -16.77
N TYR A 92 -17.88 15.30 -16.49
CA TYR A 92 -18.51 14.00 -16.18
C TYR A 92 -18.46 13.04 -17.35
N ARG A 93 -18.66 13.49 -18.60
CA ARG A 93 -18.57 12.60 -19.77
C ARG A 93 -17.17 11.98 -19.80
N GLU A 94 -16.13 12.78 -19.47
CA GLU A 94 -14.71 12.30 -19.49
C GLU A 94 -14.53 11.31 -18.35
N VAL A 95 -15.19 11.50 -17.20
CA VAL A 95 -15.15 10.48 -16.13
C VAL A 95 -15.76 9.16 -16.65
N ALA A 96 -16.92 9.17 -17.29
CA ALA A 96 -17.57 7.95 -17.84
C ALA A 96 -16.63 7.19 -18.78
N LYS A 97 -15.90 7.90 -19.64
CA LYS A 97 -14.92 7.30 -20.56
C LYS A 97 -13.83 6.62 -19.75
N GLU A 98 -13.29 7.29 -18.72
CA GLU A 98 -12.17 6.75 -17.94
C GLU A 98 -12.64 5.51 -17.17
N VAL A 99 -13.78 5.58 -16.50
CA VAL A 99 -14.34 4.45 -15.72
C VAL A 99 -14.50 3.25 -16.67
N THR A 100 -14.98 3.49 -17.87
CA THR A 100 -15.21 2.42 -18.88
C THR A 100 -13.86 1.82 -19.28
N ARG A 101 -12.92 2.69 -19.61
CA ARG A 101 -11.58 2.29 -20.09
C ARG A 101 -10.90 1.42 -19.03
N LEU A 102 -11.00 1.81 -17.77
CA LEU A 102 -10.32 1.14 -16.65
C LEU A 102 -10.93 -0.25 -16.42
N GLY A 103 -12.18 -0.51 -16.82
CA GLY A 103 -12.82 -1.83 -16.63
C GLY A 103 -13.18 -2.10 -15.17
N VAL A 104 -13.27 -1.05 -14.35
CA VAL A 104 -13.67 -1.16 -12.93
C VAL A 104 -15.14 -1.57 -12.82
N ASN A 105 -15.52 -2.22 -11.72
CA ASN A 105 -16.92 -2.59 -11.42
C ASN A 105 -17.54 -1.59 -10.44
N SER A 106 -16.76 -0.64 -9.93
CA SER A 106 -17.26 0.40 -9.00
C SER A 106 -16.36 1.63 -9.02
N VAL A 107 -16.94 2.77 -8.71
CA VAL A 107 -16.27 4.10 -8.71
C VAL A 107 -16.90 4.96 -7.61
N ALA A 108 -16.03 5.58 -6.80
CA ALA A 108 -16.38 6.61 -5.81
C ALA A 108 -16.30 7.97 -6.51
N ILE A 109 -17.36 8.78 -6.42
N ILE A 109 -17.39 8.74 -6.48
CA ILE A 109 -17.44 10.07 -7.17
CA ILE A 109 -17.47 10.07 -7.18
C ILE A 109 -18.03 11.15 -6.27
C ILE A 109 -18.00 11.14 -6.22
N PRO A 110 -17.38 12.34 -6.21
CA PRO A 110 -17.92 13.50 -5.49
C PRO A 110 -18.78 14.29 -6.47
N LEU A 111 -19.60 15.23 -5.99
CA LEU A 111 -20.32 16.12 -6.94
C LEU A 111 -19.38 17.29 -7.31
N LEU A 112 -18.97 17.28 -8.57
CA LEU A 112 -18.05 18.29 -9.12
C LEU A 112 -18.67 19.67 -9.03
N SER A 113 -17.83 20.66 -8.81
CA SER A 113 -18.19 22.09 -8.82
C SER A 113 -19.28 22.43 -7.79
N THR A 114 -19.43 21.67 -6.71
CA THR A 114 -20.46 21.96 -5.69
C THR A 114 -19.84 22.60 -4.43
N GLY A 115 -18.52 22.60 -4.32
CA GLY A 115 -17.79 23.18 -3.19
C GLY A 115 -17.30 24.59 -3.52
N VAL A 116 -16.00 24.81 -3.41
CA VAL A 116 -15.39 26.17 -3.60
C VAL A 116 -15.46 26.54 -5.09
N TYR A 117 -15.74 25.60 -5.99
CA TYR A 117 -15.95 25.94 -7.41
C TYR A 117 -17.41 26.28 -7.72
N SER A 118 -18.32 26.29 -6.75
CA SER A 118 -19.76 26.50 -7.01
C SER A 118 -20.10 27.99 -7.28
N GLY A 119 -19.16 28.93 -7.08
CA GLY A 119 -19.48 30.36 -7.23
C GLY A 119 -20.56 30.80 -6.23
N GLY A 120 -20.53 30.20 -5.03
CA GLY A 120 -21.46 30.47 -3.92
C GLY A 120 -22.91 30.09 -4.17
N LYS A 121 -23.16 29.10 -5.05
CA LYS A 121 -24.53 28.64 -5.39
C LYS A 121 -24.69 27.15 -5.08
N ASP A 122 -25.93 26.73 -4.80
CA ASP A 122 -26.28 25.32 -4.54
C ASP A 122 -26.41 24.68 -5.91
N ARG A 123 -25.47 23.79 -6.25
CA ARG A 123 -25.45 23.13 -7.57
C ARG A 123 -25.63 21.61 -7.40
N LEU A 124 -26.22 21.15 -6.30
CA LEU A 124 -26.46 19.71 -6.07
C LEU A 124 -27.16 19.16 -7.30
N THR A 125 -28.34 19.70 -7.64
CA THR A 125 -29.19 19.13 -8.71
C THR A 125 -28.47 19.22 -10.06
N GLN A 126 -27.82 20.34 -10.32
CA GLN A 126 -27.17 20.58 -11.62
C GLN A 126 -26.06 19.54 -11.79
N SER A 127 -25.24 19.43 -10.75
CA SER A 127 -24.05 18.56 -10.78
C SER A 127 -24.48 17.08 -10.80
N LEU A 128 -25.44 16.71 -9.94
CA LEU A 128 -25.93 15.30 -9.87
C LEU A 128 -26.52 14.88 -11.21
N ASN A 129 -27.25 15.77 -11.87
CA ASN A 129 -27.94 15.39 -13.12
C ASN A 129 -26.90 15.18 -14.20
N HIS A 130 -25.84 15.98 -14.21
CA HIS A 130 -24.75 15.80 -15.20
C HIS A 130 -24.01 14.50 -14.89
N LEU A 131 -23.87 14.17 -13.62
CA LEU A 131 -23.29 12.88 -13.21
C LEU A 131 -24.15 11.77 -13.81
N PHE A 132 -25.46 11.80 -13.59
CA PHE A 132 -26.38 10.77 -14.12
C PHE A 132 -26.26 10.69 -15.63
N THR A 133 -26.26 11.85 -16.32
CA THR A 133 -26.27 11.87 -17.81
C THR A 133 -25.05 11.09 -18.29
N ALA A 134 -23.92 11.31 -17.63
CA ALA A 134 -22.65 10.67 -18.03
C ALA A 134 -22.63 9.18 -17.66
N MET A 135 -23.01 8.85 -16.42
CA MET A 135 -22.70 7.53 -15.85
C MET A 135 -23.82 6.52 -16.16
N ASP A 136 -25.00 6.97 -16.64
CA ASP A 136 -26.16 6.08 -16.80
C ASP A 136 -25.85 4.96 -17.79
N SER A 137 -25.02 5.22 -18.81
CA SER A 137 -24.66 4.23 -19.85
C SER A 137 -23.48 3.36 -19.42
N THR A 138 -22.89 3.61 -18.25
CA THR A 138 -21.81 2.74 -17.71
C THR A 138 -22.48 1.64 -16.85
N ASP A 139 -21.77 0.51 -16.66
CA ASP A 139 -22.27 -0.61 -15.82
C ASP A 139 -21.46 -0.72 -14.52
N ALA A 140 -20.67 0.28 -14.18
CA ALA A 140 -20.02 0.36 -12.84
C ALA A 140 -21.05 0.68 -11.75
N ASP A 141 -20.92 0.06 -10.57
CA ASP A 141 -21.58 0.58 -9.36
C ASP A 141 -21.02 1.97 -9.04
N VAL A 142 -21.89 2.97 -8.97
CA VAL A 142 -21.46 4.36 -8.65
C VAL A 142 -21.82 4.66 -7.21
N VAL A 143 -20.83 5.07 -6.42
CA VAL A 143 -21.07 5.50 -5.01
C VAL A 143 -20.69 6.98 -4.91
N ILE A 144 -21.69 7.81 -4.70
CA ILE A 144 -21.53 9.27 -4.60
C ILE A 144 -21.19 9.59 -3.15
N TYR A 145 -20.13 10.36 -2.93
CA TYR A 145 -19.71 10.76 -1.57
C TYR A 145 -20.05 12.24 -1.36
N CYS A 146 -20.58 12.55 -0.18
CA CYS A 146 -20.95 13.92 0.20
C CYS A 146 -20.62 14.09 1.68
N ARG A 147 -20.73 15.30 2.20
CA ARG A 147 -20.38 15.52 3.63
C ARG A 147 -21.57 16.09 4.41
N ASP A 148 -22.49 16.73 3.72
CA ASP A 148 -23.66 17.40 4.32
C ASP A 148 -24.82 16.41 4.48
N LYS A 149 -25.44 16.41 5.66
CA LYS A 149 -26.58 15.52 5.97
C LYS A 149 -27.80 15.79 5.08
N GLU A 150 -28.10 17.05 4.80
CA GLU A 150 -29.27 17.39 3.94
C GLU A 150 -28.95 17.06 2.49
N TRP A 151 -27.69 17.23 2.06
CA TRP A 151 -27.28 16.79 0.70
C TRP A 151 -27.42 15.26 0.57
N GLU A 152 -27.08 14.49 1.58
CA GLU A 152 -27.20 13.01 1.56
C GLU A 152 -28.67 12.65 1.29
N LYS A 153 -29.59 13.28 2.02
CA LYS A 153 -31.03 13.02 1.87
C LYS A 153 -31.44 13.37 0.43
N LYS A 154 -31.03 14.54 -0.07
CA LYS A 154 -31.47 15.03 -1.40
C LYS A 154 -30.89 14.13 -2.49
N ILE A 155 -29.62 13.73 -2.37
CA ILE A 155 -29.03 12.79 -3.37
C ILE A 155 -29.74 11.44 -3.29
N SER A 156 -30.00 10.92 -2.09
CA SER A 156 -30.66 9.61 -1.91
C SER A 156 -32.04 9.67 -2.55
N GLU A 157 -32.76 10.78 -2.33
CA GLU A 157 -34.12 10.96 -2.90
C GLU A 157 -34.03 10.96 -4.42
N ALA A 158 -33.07 11.66 -5.00
CA ALA A 158 -32.93 11.79 -6.47
C ALA A 158 -32.60 10.41 -7.06
N ILE A 159 -31.77 9.63 -6.37
CA ILE A 159 -31.47 8.25 -6.83
C ILE A 159 -32.77 7.42 -6.82
N GLN A 160 -33.49 7.41 -5.69
CA GLN A 160 -34.65 6.50 -5.49
C GLN A 160 -35.77 6.84 -6.48
N MET A 161 -35.90 8.11 -6.88
CA MET A 161 -37.02 8.60 -7.73
C MET A 161 -36.92 8.02 -9.15
N ARG A 162 -35.79 7.45 -9.54
CA ARG A 162 -35.56 6.88 -10.90
C ARG A 162 -35.67 5.35 -10.87
N THR A 163 -35.72 4.73 -9.68
CA THR A 163 -35.73 3.25 -9.48
C THR A 163 -37.16 2.71 -9.56
N GLY B 1 -23.45 -20.96 14.01
CA GLY B 1 -22.48 -21.18 15.12
C GLY B 1 -21.16 -21.72 14.60
N ALA B 2 -20.07 -21.44 15.32
CA ALA B 2 -18.74 -22.05 15.10
C ALA B 2 -18.84 -23.55 15.41
N MET B 3 -18.07 -24.37 14.69
CA MET B 3 -18.16 -25.85 14.78
C MET B 3 -17.86 -26.28 16.23
N ALA B 4 -16.91 -25.61 16.87
CA ALA B 4 -16.52 -25.83 18.27
C ALA B 4 -16.33 -24.46 18.91
N PRO B 5 -17.43 -23.78 19.32
CA PRO B 5 -17.31 -22.41 19.81
C PRO B 5 -16.09 -22.26 20.74
N SER B 6 -15.23 -21.28 20.44
CA SER B 6 -14.00 -20.98 21.18
C SER B 6 -13.92 -19.49 21.55
N TYR B 7 -13.01 -19.22 22.47
CA TYR B 7 -12.45 -17.88 22.75
C TYR B 7 -11.00 -17.85 22.29
N ARG B 8 -10.58 -16.77 21.62
CA ARG B 8 -9.18 -16.51 21.20
C ARG B 8 -8.86 -15.06 21.49
N VAL B 9 -7.59 -14.74 21.77
CA VAL B 9 -7.12 -13.34 21.95
C VAL B 9 -6.02 -13.05 20.91
N LYS B 10 -6.16 -11.91 20.21
CA LYS B 10 -5.20 -11.37 19.22
C LYS B 10 -4.81 -9.96 19.66
N ARG B 11 -3.52 -9.62 19.56
CA ARG B 11 -2.96 -8.30 19.96
C ARG B 11 -2.76 -7.46 18.70
N MET B 12 -3.74 -6.62 18.35
CA MET B 12 -3.73 -5.83 17.10
C MET B 12 -4.98 -4.95 17.02
N ASP B 13 -4.92 -4.00 16.09
CA ASP B 13 -6.00 -3.09 15.70
C ASP B 13 -7.22 -3.93 15.27
N ILE B 14 -8.27 -3.85 16.08
CA ILE B 14 -9.53 -4.60 15.86
C ILE B 14 -10.16 -4.14 14.54
N ALA B 15 -9.73 -2.99 13.98
CA ALA B 15 -10.20 -2.50 12.66
C ALA B 15 -9.72 -3.46 11.53
N LYS B 16 -8.69 -4.25 11.79
CA LYS B 16 -8.14 -5.26 10.84
C LYS B 16 -8.72 -6.67 11.11
N ASN B 17 -9.81 -6.80 11.88
CA ASN B 17 -10.32 -8.12 12.35
C ASN B 17 -10.69 -9.00 11.16
N ASP B 18 -10.55 -10.32 11.31
CA ASP B 18 -10.92 -11.31 10.26
C ASP B 18 -12.25 -12.00 10.63
N GLU B 19 -12.99 -11.43 11.59
CA GLU B 19 -14.29 -12.01 12.03
C GLU B 19 -15.41 -11.42 11.20
N GLU B 20 -16.61 -11.98 11.33
CA GLU B 20 -17.80 -11.63 10.52
C GLU B 20 -18.48 -10.37 11.07
N CYS B 21 -18.03 -9.89 12.25
CA CYS B 21 -18.51 -8.61 12.82
C CYS B 21 -17.56 -8.11 13.92
N VAL B 22 -17.71 -6.84 14.30
CA VAL B 22 -16.80 -6.16 15.24
C VAL B 22 -17.66 -5.48 16.33
N VAL B 23 -17.17 -5.55 17.56
CA VAL B 23 -17.75 -4.74 18.66
C VAL B 23 -16.85 -3.50 18.84
N ASN B 24 -17.45 -2.35 18.64
CA ASN B 24 -16.82 -1.06 18.95
C ASN B 24 -16.99 -0.74 20.44
N ALA B 25 -15.92 -0.35 21.10
CA ALA B 25 -15.98 0.27 22.45
C ALA B 25 -16.42 1.73 22.24
N ALA B 26 -17.72 1.92 22.09
CA ALA B 26 -18.36 3.17 21.63
C ALA B 26 -18.53 4.16 22.79
N ASN B 27 -18.73 5.43 22.45
CA ASN B 27 -19.26 6.46 23.39
C ASN B 27 -20.74 6.58 23.10
N PRO B 28 -21.53 7.15 24.02
CA PRO B 28 -22.99 7.20 23.87
C PRO B 28 -23.48 8.08 22.70
N ARG B 29 -22.63 8.94 22.16
CA ARG B 29 -23.07 10.01 21.25
C ARG B 29 -22.71 9.62 19.82
N GLY B 30 -22.03 8.50 19.63
CA GLY B 30 -21.60 8.08 18.28
C GLY B 30 -20.53 8.99 17.72
N LEU B 31 -19.63 9.47 18.59
CA LEU B 31 -18.48 10.31 18.24
C LEU B 31 -17.28 9.42 17.96
N PRO B 32 -16.28 9.93 17.19
CA PRO B 32 -15.08 9.16 16.87
C PRO B 32 -14.26 8.69 18.08
N GLY B 33 -14.21 9.49 19.14
CA GLY B 33 -13.62 9.07 20.43
C GLY B 33 -12.14 8.73 20.33
N ASP B 34 -11.65 7.87 21.22
CA ASP B 34 -10.21 7.50 21.34
C ASP B 34 -10.08 6.00 21.23
N GLY B 35 -8.83 5.52 21.26
CA GLY B 35 -8.48 4.09 21.35
C GLY B 35 -9.21 3.28 20.32
N VAL B 36 -9.81 2.16 20.70
CA VAL B 36 -10.59 1.27 19.79
C VAL B 36 -11.59 2.08 18.95
N CYS B 37 -12.34 2.98 19.57
CA CYS B 37 -13.42 3.71 18.90
C CYS B 37 -12.82 4.50 17.73
N LYS B 38 -11.63 5.06 17.95
CA LYS B 38 -10.94 5.89 16.93
C LYS B 38 -10.52 4.95 15.79
N ALA B 39 -9.92 3.81 16.14
CA ALA B 39 -9.49 2.76 15.18
C ALA B 39 -10.69 2.30 14.36
N VAL B 40 -11.86 2.13 14.97
CA VAL B 40 -13.12 1.72 14.28
C VAL B 40 -13.66 2.85 13.40
N TYR B 41 -13.60 4.12 13.84
CA TYR B 41 -14.13 5.27 13.05
C TYR B 41 -13.33 5.42 11.75
N LYS B 42 -12.06 5.06 11.81
CA LYS B 42 -11.11 5.23 10.69
C LYS B 42 -11.58 4.37 9.50
N LYS B 43 -12.13 3.17 9.73
CA LYS B 43 -12.58 2.27 8.64
C LYS B 43 -14.09 2.39 8.37
N TRP B 44 -14.88 2.46 9.44
CA TRP B 44 -16.34 2.29 9.34
C TRP B 44 -17.04 3.58 9.76
N PRO B 45 -16.53 4.74 9.26
CA PRO B 45 -17.16 6.02 9.51
C PRO B 45 -18.67 5.96 9.39
N GLU B 46 -19.17 5.42 8.28
CA GLU B 46 -20.63 5.45 8.00
C GLU B 46 -21.32 4.42 8.90
N SER B 47 -20.58 3.53 9.57
CA SER B 47 -21.12 2.76 10.72
C SER B 47 -21.50 3.69 11.88
N PHE B 48 -21.06 4.97 11.88
CA PHE B 48 -21.42 5.91 12.97
C PHE B 48 -22.68 6.67 12.61
N LYS B 49 -23.26 6.38 11.44
CA LYS B 49 -24.57 6.96 11.11
C LYS B 49 -25.56 6.40 12.13
N ASN B 50 -26.13 7.31 12.93
CA ASN B 50 -27.16 7.09 13.96
C ASN B 50 -26.71 6.00 14.93
N SER B 51 -25.42 5.95 15.26
CA SER B 51 -24.85 4.96 16.21
C SER B 51 -25.07 5.36 17.67
N ALA B 52 -25.47 6.62 17.97
CA ALA B 52 -25.71 7.09 19.35
C ALA B 52 -26.67 6.14 20.08
N THR B 53 -26.34 5.76 21.31
CA THR B 53 -27.13 4.78 22.09
C THR B 53 -26.70 4.93 23.55
N PRO B 54 -27.58 4.67 24.53
CA PRO B 54 -27.22 4.85 25.92
C PRO B 54 -26.16 3.88 26.46
N VAL B 55 -25.61 4.29 27.60
CA VAL B 55 -24.69 3.45 28.39
C VAL B 55 -25.41 2.14 28.73
N GLY B 56 -24.70 1.02 28.64
CA GLY B 56 -25.30 -0.28 28.98
C GLY B 56 -26.02 -0.91 27.80
N THR B 57 -25.93 -0.33 26.61
CA THR B 57 -26.62 -0.81 25.39
C THR B 57 -25.68 -1.02 24.24
N ALA B 58 -26.17 -1.73 23.25
CA ALA B 58 -25.44 -1.96 21.99
C ALA B 58 -26.39 -1.62 20.84
N LYS B 59 -25.88 -0.92 19.83
CA LYS B 59 -26.61 -0.54 18.59
C LYS B 59 -25.75 -0.97 17.40
N THR B 60 -26.31 -1.79 16.51
CA THR B 60 -25.59 -2.33 15.35
C THR B 60 -25.91 -1.45 14.15
N VAL B 61 -24.88 -1.07 13.42
CA VAL B 61 -25.04 -0.33 12.14
C VAL B 61 -24.30 -1.15 11.09
N MET B 62 -25.06 -1.53 10.07
CA MET B 62 -24.61 -2.26 8.86
C MET B 62 -23.96 -1.25 7.94
N CYS B 63 -22.71 -1.56 7.63
CA CYS B 63 -21.99 -1.09 6.44
C CYS B 63 -22.08 -2.17 5.36
N GLY B 64 -23.09 -2.05 4.50
CA GLY B 64 -23.46 -3.10 3.54
C GLY B 64 -23.84 -4.36 4.30
N THR B 65 -22.96 -5.36 4.28
CA THR B 65 -23.15 -6.70 4.92
C THR B 65 -22.48 -6.73 6.29
N TYR B 66 -21.36 -6.02 6.47
CA TYR B 66 -20.52 -6.05 7.69
C TYR B 66 -21.16 -5.30 8.87
N PRO B 67 -21.50 -6.00 9.99
CA PRO B 67 -22.08 -5.37 11.17
C PRO B 67 -21.02 -4.82 12.16
N VAL B 68 -21.21 -3.57 12.54
CA VAL B 68 -20.44 -2.89 13.64
C VAL B 68 -21.42 -2.76 14.78
N ILE B 69 -21.12 -3.44 15.87
CA ILE B 69 -21.96 -3.43 17.09
C ILE B 69 -21.37 -2.38 18.04
N HIS B 70 -22.01 -1.23 18.15
CA HIS B 70 -21.54 -0.14 19.04
C HIS B 70 -22.00 -0.46 20.44
N ALA B 71 -21.08 -0.91 21.28
CA ALA B 71 -21.36 -1.25 22.69
C ALA B 71 -20.84 -0.13 23.61
N VAL B 72 -21.73 0.45 24.41
CA VAL B 72 -21.38 1.63 25.26
C VAL B 72 -21.20 1.15 26.70
N GLY B 73 -19.96 0.91 27.06
CA GLY B 73 -19.62 0.68 28.47
C GLY B 73 -19.65 1.98 29.24
N PRO B 74 -19.76 1.87 30.57
CA PRO B 74 -19.77 3.04 31.43
C PRO B 74 -18.37 3.67 31.55
N ASN B 75 -18.36 4.98 31.67
CA ASN B 75 -17.17 5.76 32.07
C ASN B 75 -17.09 5.74 33.59
N PHE B 76 -16.17 4.99 34.14
CA PHE B 76 -15.99 4.88 35.62
C PHE B 76 -15.50 6.21 36.24
N SER B 77 -15.12 7.22 35.45
CA SER B 77 -14.93 8.60 35.95
C SER B 77 -16.27 9.18 36.39
N ASN B 78 -17.35 8.74 35.76
CA ASN B 78 -18.70 9.30 36.01
C ASN B 78 -19.55 8.38 36.90
N TYR B 79 -19.46 7.07 36.71
CA TYR B 79 -20.26 6.07 37.44
C TYR B 79 -19.53 5.65 38.72
N THR B 80 -20.29 5.33 39.76
CA THR B 80 -19.79 4.61 40.95
C THR B 80 -19.35 3.21 40.54
N GLU B 81 -18.51 2.57 41.33
CA GLU B 81 -18.10 1.17 41.11
C GLU B 81 -19.36 0.30 40.97
N SER B 82 -20.35 0.51 41.83
CA SER B 82 -21.58 -0.30 41.86
C SER B 82 -22.37 -0.10 40.55
N GLU B 83 -22.69 1.15 40.24
CA GLU B 83 -23.57 1.44 39.09
C GLU B 83 -22.81 1.11 37.80
N GLY B 84 -21.50 1.41 37.76
CA GLY B 84 -20.65 1.09 36.62
C GLY B 84 -20.65 -0.41 36.37
N ASP B 85 -20.52 -1.22 37.42
CA ASP B 85 -20.40 -2.68 37.28
C ASP B 85 -21.67 -3.23 36.61
N ARG B 86 -22.82 -2.70 36.99
CA ARG B 86 -24.13 -3.07 36.44
C ARG B 86 -24.16 -2.70 34.95
N GLU B 87 -23.78 -1.47 34.59
CA GLU B 87 -23.85 -1.02 33.20
C GLU B 87 -22.86 -1.82 32.35
N LEU B 88 -21.68 -2.10 32.87
CA LEU B 88 -20.67 -2.85 32.09
C LEU B 88 -21.20 -4.27 31.78
N ALA B 89 -21.77 -4.95 32.76
CA ALA B 89 -22.45 -6.25 32.58
C ALA B 89 -23.54 -6.13 31.50
N ALA B 90 -24.33 -5.06 31.56
CA ALA B 90 -25.48 -4.84 30.67
C ALA B 90 -24.98 -4.63 29.24
N ALA B 91 -23.91 -3.85 29.04
CA ALA B 91 -23.39 -3.64 27.68
C ALA B 91 -23.05 -5.01 27.07
N TYR B 92 -22.33 -5.83 27.79
CA TYR B 92 -21.93 -7.14 27.23
C TYR B 92 -23.15 -8.01 26.96
N ARG B 93 -24.17 -8.00 27.84
CA ARG B 93 -25.39 -8.79 27.58
C ARG B 93 -26.02 -8.37 26.26
N GLU B 94 -26.06 -7.06 25.96
N GLU B 94 -26.02 -7.07 25.95
CA GLU B 94 -26.64 -6.53 24.68
CA GLU B 94 -26.64 -6.54 24.71
C GLU B 94 -25.76 -6.99 23.51
C GLU B 94 -25.76 -6.92 23.50
N VAL B 95 -24.43 -7.01 23.69
CA VAL B 95 -23.53 -7.55 22.64
C VAL B 95 -23.92 -9.00 22.32
N ALA B 96 -24.07 -9.85 23.33
CA ALA B 96 -24.47 -11.27 23.18
C ALA B 96 -25.77 -11.38 22.38
N LYS B 97 -26.77 -10.57 22.74
CA LYS B 97 -28.07 -10.50 22.04
C LYS B 97 -27.86 -10.16 20.57
N GLU B 98 -27.06 -9.14 20.28
CA GLU B 98 -26.82 -8.67 18.90
C GLU B 98 -26.08 -9.74 18.11
N VAL B 99 -25.00 -10.28 18.65
CA VAL B 99 -24.23 -11.35 17.99
C VAL B 99 -25.18 -12.50 17.63
N THR B 100 -26.09 -12.87 18.52
CA THR B 100 -27.03 -13.98 18.31
C THR B 100 -27.97 -13.58 17.18
N ARG B 101 -28.54 -12.41 17.26
CA ARG B 101 -29.51 -11.91 16.24
C ARG B 101 -28.87 -11.89 14.85
N LEU B 102 -27.62 -11.49 14.75
CA LEU B 102 -26.91 -11.31 13.46
C LEU B 102 -26.62 -12.67 12.81
N GLY B 103 -26.53 -13.76 13.57
CA GLY B 103 -26.29 -15.11 13.02
C GLY B 103 -24.85 -15.32 12.62
N VAL B 104 -23.93 -14.49 13.13
CA VAL B 104 -22.49 -14.60 12.77
C VAL B 104 -21.92 -15.85 13.45
N ASN B 105 -20.83 -16.36 12.90
CA ASN B 105 -20.07 -17.51 13.45
C ASN B 105 -18.84 -17.00 14.16
N SER B 106 -18.58 -15.69 14.06
CA SER B 106 -17.39 -15.05 14.64
C SER B 106 -17.68 -13.56 14.95
N VAL B 107 -16.95 -13.06 15.92
CA VAL B 107 -17.04 -11.65 16.43
C VAL B 107 -15.70 -11.26 17.04
N ALA B 108 -15.25 -10.06 16.69
CA ALA B 108 -14.10 -9.38 17.29
C ALA B 108 -14.65 -8.46 18.38
N ILE B 109 -14.12 -8.56 19.59
N ILE B 109 -14.14 -8.61 19.60
CA ILE B 109 -14.65 -7.83 20.76
CA ILE B 109 -14.63 -7.87 20.81
C ILE B 109 -13.48 -7.28 21.57
C ILE B 109 -13.42 -7.25 21.51
N PRO B 110 -13.48 -5.96 21.91
CA PRO B 110 -12.49 -5.39 22.79
C PRO B 110 -12.99 -5.48 24.23
N LEU B 111 -12.12 -5.21 25.20
CA LEU B 111 -12.50 -5.17 26.63
C LEU B 111 -13.09 -3.78 26.94
N LEU B 112 -14.40 -3.74 27.06
CA LEU B 112 -15.15 -2.50 27.34
C LEU B 112 -14.69 -1.89 28.68
N SER B 113 -14.65 -0.57 28.73
CA SER B 113 -14.39 0.24 29.93
C SER B 113 -12.97 0.02 30.48
N THR B 114 -12.03 -0.44 29.66
CA THR B 114 -10.64 -0.71 30.12
C THR B 114 -9.65 0.38 29.67
N GLY B 115 -10.05 1.33 28.83
CA GLY B 115 -9.16 2.43 28.39
C GLY B 115 -9.51 3.72 29.09
N VAL B 116 -9.85 4.74 28.35
CA VAL B 116 -10.10 6.08 28.97
C VAL B 116 -11.40 6.04 29.78
N TYR B 117 -12.26 5.02 29.64
CA TYR B 117 -13.45 4.85 30.54
C TYR B 117 -13.12 4.09 31.83
N SER B 118 -11.88 3.64 32.07
CA SER B 118 -11.52 2.81 33.24
C SER B 118 -11.45 3.63 34.54
N GLY B 119 -11.53 4.96 34.46
CA GLY B 119 -11.36 5.81 35.66
C GLY B 119 -9.98 5.59 36.28
N GLY B 120 -8.99 5.34 35.47
CA GLY B 120 -7.59 5.10 35.90
C GLY B 120 -7.41 3.80 36.68
N LYS B 121 -8.32 2.84 36.60
CA LYS B 121 -8.14 1.53 37.28
C LYS B 121 -7.88 0.43 36.24
N ASP B 122 -7.17 -0.63 36.64
CA ASP B 122 -6.92 -1.87 35.86
C ASP B 122 -8.19 -2.73 35.89
N ARG B 123 -8.94 -2.80 34.78
CA ARG B 123 -10.28 -3.45 34.77
C ARG B 123 -10.27 -4.70 33.85
N LEU B 124 -9.11 -5.29 33.60
CA LEU B 124 -9.01 -6.42 32.66
C LEU B 124 -9.89 -7.54 33.20
N THR B 125 -9.72 -7.90 34.47
CA THR B 125 -10.43 -9.03 35.09
C THR B 125 -11.93 -8.74 35.14
N GLN B 126 -12.30 -7.56 35.62
CA GLN B 126 -13.71 -7.14 35.69
C GLN B 126 -14.35 -7.27 34.31
N SER B 127 -13.74 -6.65 33.29
CA SER B 127 -14.32 -6.54 31.94
C SER B 127 -14.37 -7.93 31.30
N LEU B 128 -13.30 -8.73 31.43
CA LEU B 128 -13.23 -10.08 30.84
C LEU B 128 -14.33 -10.95 31.46
N ASN B 129 -14.53 -10.86 32.76
CA ASN B 129 -15.53 -11.64 33.52
C ASN B 129 -16.93 -11.35 32.96
N HIS B 130 -17.26 -10.08 32.74
CA HIS B 130 -18.58 -9.67 32.20
C HIS B 130 -18.67 -10.11 30.73
N LEU B 131 -17.56 -10.09 30.01
CA LEU B 131 -17.51 -10.58 28.61
C LEU B 131 -17.92 -12.06 28.61
N PHE B 132 -17.24 -12.88 29.39
CA PHE B 132 -17.53 -14.33 29.51
C PHE B 132 -18.99 -14.54 29.95
N THR B 133 -19.46 -13.86 31.01
CA THR B 133 -20.83 -14.03 31.56
C THR B 133 -21.85 -13.88 30.42
N ALA B 134 -21.64 -12.87 29.57
CA ALA B 134 -22.55 -12.60 28.42
C ALA B 134 -22.31 -13.62 27.29
N MET B 135 -21.06 -13.84 26.86
CA MET B 135 -20.81 -14.53 25.59
C MET B 135 -20.78 -16.07 25.78
N ASP B 136 -20.69 -16.58 27.01
CA ASP B 136 -20.52 -18.03 27.25
C ASP B 136 -21.66 -18.82 26.61
N SER B 137 -22.88 -18.26 26.58
CA SER B 137 -24.10 -18.97 26.12
C SER B 137 -24.27 -18.82 24.60
N THR B 138 -23.42 -18.04 23.92
CA THR B 138 -23.45 -17.87 22.46
C THR B 138 -22.53 -18.91 21.83
N ASP B 139 -22.72 -19.20 20.54
CA ASP B 139 -21.93 -20.26 19.86
C ASP B 139 -20.98 -19.60 18.85
N ALA B 140 -20.85 -18.27 18.85
CA ALA B 140 -19.93 -17.59 17.93
C ALA B 140 -18.50 -17.81 18.41
N ASP B 141 -17.57 -17.96 17.46
CA ASP B 141 -16.14 -17.81 17.80
C ASP B 141 -15.95 -16.35 18.22
N VAL B 142 -15.46 -16.17 19.43
CA VAL B 142 -15.16 -14.83 20.01
C VAL B 142 -13.66 -14.61 19.96
N VAL B 143 -13.26 -13.55 19.27
CA VAL B 143 -11.85 -13.09 19.21
C VAL B 143 -11.76 -11.76 19.96
N ILE B 144 -11.10 -11.81 21.10
CA ILE B 144 -10.85 -10.65 21.99
C ILE B 144 -9.60 -9.93 21.47
N TYR B 145 -9.71 -8.65 21.12
CA TYR B 145 -8.55 -7.83 20.69
C TYR B 145 -8.07 -7.00 21.89
N CYS B 146 -6.74 -6.96 22.07
CA CYS B 146 -6.05 -6.08 23.05
C CYS B 146 -4.83 -5.46 22.36
N ARG B 147 -4.13 -4.57 23.04
CA ARG B 147 -2.94 -3.91 22.42
C ARG B 147 -1.72 -4.16 23.30
N ASP B 148 -1.93 -4.28 24.60
CA ASP B 148 -0.83 -4.54 25.57
C ASP B 148 -0.44 -6.02 25.50
N LYS B 149 0.87 -6.30 25.52
CA LYS B 149 1.40 -7.68 25.47
C LYS B 149 1.17 -8.40 26.80
N GLU B 150 1.26 -7.72 27.95
CA GLU B 150 0.97 -8.34 29.28
C GLU B 150 -0.54 -8.65 29.39
N TRP B 151 -1.38 -7.81 28.79
CA TRP B 151 -2.85 -8.04 28.77
C TRP B 151 -3.14 -9.28 27.90
N GLU B 152 -2.58 -9.34 26.69
CA GLU B 152 -2.70 -10.53 25.80
C GLU B 152 -2.40 -11.78 26.60
N LYS B 153 -1.34 -11.75 27.41
CA LYS B 153 -0.93 -12.90 28.26
C LYS B 153 -2.04 -13.23 29.26
N LYS B 154 -2.48 -12.27 30.06
CA LYS B 154 -3.49 -12.47 31.15
C LYS B 154 -4.85 -12.92 30.56
N ILE B 155 -5.24 -12.39 29.40
CA ILE B 155 -6.50 -12.78 28.70
C ILE B 155 -6.34 -14.20 28.13
N SER B 156 -5.25 -14.46 27.40
CA SER B 156 -4.91 -15.81 26.88
C SER B 156 -4.96 -16.80 28.05
N GLU B 157 -4.34 -16.42 29.18
CA GLU B 157 -4.27 -17.25 30.42
C GLU B 157 -5.70 -17.59 30.85
N ALA B 158 -6.49 -16.56 31.12
CA ALA B 158 -7.88 -16.68 31.63
C ALA B 158 -8.66 -17.61 30.70
N ILE B 159 -8.48 -17.54 29.37
CA ILE B 159 -9.19 -18.40 28.37
C ILE B 159 -8.81 -19.87 28.60
N GLN B 160 -7.50 -20.16 28.68
CA GLN B 160 -6.93 -21.55 28.73
C GLN B 160 -7.39 -22.25 30.00
N MET B 161 -7.47 -21.51 31.10
CA MET B 161 -7.74 -22.01 32.47
C MET B 161 -9.12 -22.65 32.59
N ARG B 162 -10.09 -22.34 31.72
CA ARG B 162 -11.51 -22.73 31.89
C ARG B 162 -11.81 -24.02 31.12
N THR B 163 -10.86 -24.42 30.25
CA THR B 163 -10.97 -25.52 29.28
C THR B 163 -10.09 -26.69 29.72
N GLY C 1 24.78 -11.87 -4.64
CA GLY C 1 23.83 -11.69 -5.80
C GLY C 1 23.99 -12.76 -6.87
N ALA C 2 22.92 -13.08 -7.59
CA ALA C 2 22.96 -13.92 -8.81
C ALA C 2 23.78 -13.18 -9.86
N MET C 3 24.56 -13.92 -10.66
CA MET C 3 25.43 -13.33 -11.71
C MET C 3 24.56 -12.57 -12.72
N ALA C 4 23.36 -13.05 -13.02
CA ALA C 4 22.41 -12.43 -13.97
C ALA C 4 21.03 -12.56 -13.36
N PRO C 5 20.68 -11.68 -12.40
CA PRO C 5 19.43 -11.81 -11.65
C PRO C 5 18.25 -12.01 -12.62
N SER C 6 17.42 -13.00 -12.33
CA SER C 6 16.31 -13.43 -13.23
C SER C 6 15.04 -13.57 -12.42
N TYR C 7 13.94 -13.64 -13.15
CA TYR C 7 12.62 -14.09 -12.69
C TYR C 7 12.28 -15.40 -13.39
N ARG C 8 11.73 -16.37 -12.68
CA ARG C 8 11.21 -17.64 -13.24
C ARG C 8 9.91 -17.93 -12.52
N VAL C 9 9.05 -18.71 -13.15
CA VAL C 9 7.81 -19.21 -12.50
C VAL C 9 7.81 -20.75 -12.56
N LYS C 10 7.39 -21.39 -11.47
CA LYS C 10 7.25 -22.86 -11.36
C LYS C 10 5.85 -23.18 -10.82
N ARG C 11 5.15 -24.08 -11.49
CA ARG C 11 3.88 -24.68 -11.04
C ARG C 11 4.24 -25.90 -10.17
N MET C 12 4.31 -25.74 -8.86
CA MET C 12 4.97 -26.72 -7.98
C MET C 12 4.77 -26.28 -6.55
N ASP C 13 4.72 -27.22 -5.62
CA ASP C 13 4.67 -26.96 -4.16
C ASP C 13 5.86 -26.07 -3.74
N ILE C 14 5.60 -24.92 -3.12
CA ILE C 14 6.65 -23.94 -2.73
C ILE C 14 7.44 -24.59 -1.60
N ALA C 15 6.84 -25.58 -0.94
CA ALA C 15 7.47 -26.28 0.20
C ALA C 15 8.59 -27.21 -0.30
N LYS C 16 8.64 -27.46 -1.61
CA LYS C 16 9.69 -28.27 -2.28
C LYS C 16 10.56 -27.38 -3.17
N ASN C 17 10.67 -26.08 -2.85
CA ASN C 17 11.45 -25.15 -3.70
C ASN C 17 12.94 -25.52 -3.71
N ASP C 18 13.64 -24.99 -4.69
CA ASP C 18 15.09 -25.20 -4.92
C ASP C 18 15.88 -23.90 -4.66
N GLU C 19 15.36 -22.98 -3.83
CA GLU C 19 15.99 -21.66 -3.59
C GLU C 19 16.57 -21.56 -2.18
N GLU C 20 17.32 -20.49 -1.92
CA GLU C 20 18.09 -20.32 -0.64
C GLU C 20 17.17 -19.88 0.50
N CYS C 21 15.96 -19.43 0.21
CA CYS C 21 14.99 -19.03 1.23
C CYS C 21 13.59 -19.05 0.63
N VAL C 22 12.58 -18.97 1.48
CA VAL C 22 11.18 -19.05 1.01
C VAL C 22 10.42 -17.90 1.65
N VAL C 23 9.49 -17.38 0.87
CA VAL C 23 8.50 -16.40 1.38
C VAL C 23 7.22 -17.16 1.66
N ASN C 24 6.76 -17.05 2.90
CA ASN C 24 5.45 -17.56 3.35
C ASN C 24 4.36 -16.48 3.15
N ALA C 25 3.21 -16.90 2.66
CA ALA C 25 1.96 -16.09 2.62
C ALA C 25 1.32 -16.22 3.99
N ALA C 26 1.91 -15.51 4.93
CA ALA C 26 1.70 -15.62 6.39
C ALA C 26 0.43 -14.86 6.79
N ASN C 27 -0.03 -15.14 8.01
CA ASN C 27 -1.15 -14.42 8.65
C ASN C 27 -0.55 -13.59 9.78
N PRO C 28 -1.20 -12.49 10.20
CA PRO C 28 -0.59 -11.53 11.11
C PRO C 28 -0.19 -12.04 12.52
N ARG C 29 -0.74 -13.18 12.96
CA ARG C 29 -0.44 -13.72 14.31
C ARG C 29 0.26 -15.09 14.22
N GLY C 30 0.80 -15.45 13.04
CA GLY C 30 1.87 -16.46 12.95
C GLY C 30 1.36 -17.87 13.17
N LEU C 31 0.11 -18.10 12.74
CA LEU C 31 -0.62 -19.39 12.81
C LEU C 31 -0.36 -20.23 11.58
N PRO C 32 -0.47 -21.56 11.72
CA PRO C 32 -0.33 -22.50 10.62
C PRO C 32 -1.11 -22.12 9.35
N GLY C 33 -2.28 -21.48 9.52
CA GLY C 33 -3.07 -20.93 8.40
C GLY C 33 -3.58 -21.99 7.46
N ASP C 34 -3.86 -21.60 6.21
CA ASP C 34 -4.44 -22.45 5.12
C ASP C 34 -3.60 -22.30 3.85
N GLY C 35 -3.69 -23.27 2.95
CA GLY C 35 -2.99 -23.28 1.65
C GLY C 35 -1.48 -23.10 1.83
N VAL C 36 -0.85 -22.31 0.94
CA VAL C 36 0.62 -22.06 0.93
C VAL C 36 1.14 -22.05 2.37
N CYS C 37 0.50 -21.25 3.24
CA CYS C 37 0.93 -21.04 4.64
C CYS C 37 0.97 -22.37 5.43
N LYS C 38 -0.01 -23.25 5.19
CA LYS C 38 -0.12 -24.59 5.84
C LYS C 38 1.00 -25.49 5.31
N ALA C 39 1.20 -25.54 3.99
CA ALA C 39 2.31 -26.29 3.34
C ALA C 39 3.67 -25.83 3.93
N VAL C 40 3.84 -24.52 4.12
CA VAL C 40 5.05 -23.92 4.74
C VAL C 40 5.15 -24.39 6.19
N TYR C 41 4.06 -24.32 6.94
CA TYR C 41 4.04 -24.72 8.36
C TYR C 41 4.42 -26.20 8.49
N LYS C 42 3.99 -27.04 7.57
CA LYS C 42 4.29 -28.50 7.63
C LYS C 42 5.78 -28.73 7.33
N LYS C 43 6.36 -27.99 6.38
CA LYS C 43 7.80 -28.14 6.00
C LYS C 43 8.72 -27.51 7.05
N TRP C 44 8.37 -26.32 7.52
CA TRP C 44 9.28 -25.49 8.36
C TRP C 44 8.55 -25.02 9.61
N PRO C 45 7.96 -25.94 10.41
CA PRO C 45 7.19 -25.55 11.59
C PRO C 45 7.98 -24.68 12.57
N GLU C 46 9.27 -24.94 12.68
CA GLU C 46 10.18 -24.22 13.60
C GLU C 46 10.24 -22.73 13.24
N SER C 47 10.00 -22.36 11.97
CA SER C 47 10.03 -20.94 11.52
C SER C 47 8.85 -20.15 12.09
N PHE C 48 7.85 -20.81 12.70
CA PHE C 48 6.60 -20.15 13.19
C PHE C 48 6.74 -19.70 14.66
N LYS C 49 7.93 -19.88 15.25
CA LYS C 49 8.30 -19.35 16.59
C LYS C 49 8.41 -17.81 16.54
N ASN C 50 7.45 -17.12 17.15
CA ASN C 50 7.40 -15.63 17.20
C ASN C 50 7.42 -15.07 15.79
N SER C 51 6.68 -15.70 14.89
CA SER C 51 6.59 -15.27 13.47
C SER C 51 5.47 -14.25 13.29
N ALA C 52 4.63 -14.02 14.30
CA ALA C 52 3.56 -12.99 14.25
C ALA C 52 4.16 -11.67 13.76
N THR C 53 3.53 -11.00 12.79
CA THR C 53 3.97 -9.66 12.26
C THR C 53 2.77 -9.01 11.57
N PRO C 54 2.66 -7.66 11.61
CA PRO C 54 1.45 -6.99 11.11
C PRO C 54 1.26 -7.09 9.58
N VAL C 55 -0.01 -7.04 9.15
CA VAL C 55 -0.36 -6.80 7.71
C VAL C 55 0.59 -5.74 7.16
N GLY C 56 1.15 -5.98 5.96
CA GLY C 56 2.02 -5.03 5.25
C GLY C 56 3.47 -5.11 5.65
N THR C 57 3.84 -6.13 6.42
CA THR C 57 5.23 -6.32 6.90
C THR C 57 5.70 -7.72 6.59
N ALA C 58 7.00 -7.95 6.81
CA ALA C 58 7.57 -9.30 6.70
C ALA C 58 8.54 -9.50 7.85
N LYS C 59 8.55 -10.71 8.36
CA LYS C 59 9.47 -11.09 9.44
C LYS C 59 10.14 -12.41 9.09
N THR C 60 11.46 -12.46 9.15
CA THR C 60 12.19 -13.70 8.83
C THR C 60 12.41 -14.51 10.10
N VAL C 61 12.04 -15.78 10.07
CA VAL C 61 12.48 -16.74 11.13
C VAL C 61 13.22 -17.92 10.48
N MET C 62 14.36 -18.28 11.06
CA MET C 62 15.17 -19.44 10.59
C MET C 62 14.52 -20.74 11.01
N CYS C 63 14.49 -21.70 10.08
CA CYS C 63 14.25 -23.12 10.35
C CYS C 63 15.59 -23.84 10.14
N GLY C 64 16.30 -24.14 11.23
CA GLY C 64 17.75 -24.44 11.13
C GLY C 64 18.49 -23.19 10.70
N THR C 65 19.06 -23.21 9.49
CA THR C 65 19.70 -22.02 8.85
C THR C 65 18.87 -21.55 7.65
N TYR C 66 17.73 -22.19 7.38
CA TYR C 66 16.92 -21.96 6.17
C TYR C 66 15.94 -20.83 6.47
N PRO C 67 16.09 -19.62 5.87
CA PRO C 67 15.24 -18.49 6.20
C PRO C 67 13.83 -18.67 5.62
N VAL C 68 12.84 -18.46 6.47
CA VAL C 68 11.42 -18.35 6.09
C VAL C 68 10.99 -16.91 6.34
N ILE C 69 10.67 -16.18 5.26
CA ILE C 69 10.29 -14.75 5.30
C ILE C 69 8.77 -14.72 5.37
N HIS C 70 8.19 -14.46 6.55
CA HIS C 70 6.72 -14.48 6.74
C HIS C 70 6.19 -13.12 6.28
N ALA C 71 5.58 -13.07 5.11
CA ALA C 71 5.10 -11.82 4.49
C ALA C 71 3.58 -11.79 4.63
N VAL C 72 3.08 -10.75 5.30
CA VAL C 72 1.62 -10.66 5.57
C VAL C 72 0.97 -9.66 4.63
N GLY C 73 0.35 -10.19 3.59
CA GLY C 73 -0.47 -9.40 2.66
C GLY C 73 -1.80 -9.11 3.31
N PRO C 74 -2.50 -8.06 2.84
CA PRO C 74 -3.84 -7.81 3.33
C PRO C 74 -4.82 -8.89 2.86
N ASN C 75 -5.81 -9.15 3.71
CA ASN C 75 -6.97 -9.97 3.32
C ASN C 75 -8.00 -9.01 2.74
N PHE C 76 -8.27 -9.10 1.45
CA PHE C 76 -9.19 -8.17 0.76
C PHE C 76 -10.66 -8.41 1.11
N SER C 77 -10.97 -9.45 1.89
CA SER C 77 -12.32 -9.63 2.49
C SER C 77 -12.57 -8.56 3.57
N ASN C 78 -11.49 -7.97 4.09
CA ASN C 78 -11.54 -7.04 5.25
C ASN C 78 -10.90 -5.70 4.91
N TYR C 79 -10.27 -5.53 3.75
CA TYR C 79 -9.58 -4.27 3.38
C TYR C 79 -10.28 -3.69 2.17
N THR C 80 -10.38 -2.38 2.08
CA THR C 80 -10.90 -1.74 0.84
C THR C 80 -9.88 -1.99 -0.26
N GLU C 81 -10.28 -1.76 -1.50
CA GLU C 81 -9.34 -1.85 -2.64
C GLU C 81 -8.20 -0.86 -2.43
N SER C 82 -8.51 0.36 -2.01
CA SER C 82 -7.53 1.42 -1.78
C SER C 82 -6.54 1.00 -0.68
N GLU C 83 -7.04 0.65 0.50
CA GLU C 83 -6.15 0.42 1.68
C GLU C 83 -5.38 -0.88 1.42
N GLY C 84 -6.03 -1.86 0.81
CA GLY C 84 -5.41 -3.17 0.54
C GLY C 84 -4.30 -3.02 -0.47
N ASP C 85 -4.48 -2.21 -1.49
CA ASP C 85 -3.44 -2.04 -2.52
C ASP C 85 -2.17 -1.50 -1.86
N ARG C 86 -2.29 -0.55 -0.94
CA ARG C 86 -1.11 0.03 -0.27
C ARG C 86 -0.43 -1.05 0.61
N GLU C 87 -1.20 -1.83 1.35
CA GLU C 87 -0.61 -2.86 2.26
C GLU C 87 0.06 -3.96 1.45
N LEU C 88 -0.48 -4.30 0.27
CA LEU C 88 0.09 -5.39 -0.55
C LEU C 88 1.44 -4.92 -1.07
N ALA C 89 1.50 -3.70 -1.60
CA ALA C 89 2.75 -3.07 -2.06
C ALA C 89 3.77 -3.10 -0.92
N ALA C 90 3.35 -2.76 0.30
CA ALA C 90 4.26 -2.63 1.45
C ALA C 90 4.82 -4.01 1.84
N ALA C 91 3.97 -5.04 1.87
CA ALA C 91 4.35 -6.43 2.21
C ALA C 91 5.47 -6.83 1.26
N TYR C 92 5.30 -6.59 -0.04
CA TYR C 92 6.38 -6.93 -1.01
C TYR C 92 7.67 -6.12 -0.79
N ARG C 93 7.56 -4.82 -0.50
N ARG C 93 7.56 -4.84 -0.46
CA ARG C 93 8.74 -3.97 -0.18
CA ARG C 93 8.75 -3.99 -0.19
C ARG C 93 9.50 -4.62 0.99
C ARG C 93 9.50 -4.53 1.03
N GLU C 94 8.79 -5.04 2.03
CA GLU C 94 9.45 -5.68 3.20
C GLU C 94 10.08 -7.01 2.78
N VAL C 95 9.51 -7.75 1.83
CA VAL C 95 10.12 -9.01 1.33
C VAL C 95 11.45 -8.64 0.66
N ALA C 96 11.48 -7.58 -0.16
CA ALA C 96 12.73 -7.13 -0.84
C ALA C 96 13.79 -6.80 0.20
N LYS C 97 13.40 -6.08 1.25
CA LYS C 97 14.28 -5.72 2.39
C LYS C 97 14.86 -6.99 3.03
N GLU C 98 14.01 -7.97 3.35
CA GLU C 98 14.41 -9.21 4.06
C GLU C 98 15.36 -10.02 3.19
N VAL C 99 15.03 -10.15 1.91
CA VAL C 99 15.88 -10.91 0.95
C VAL C 99 17.24 -10.23 0.88
N THR C 100 17.26 -8.90 0.81
CA THR C 100 18.51 -8.11 0.72
C THR C 100 19.30 -8.36 2.01
N ARG C 101 18.63 -8.23 3.14
CA ARG C 101 19.26 -8.36 4.48
C ARG C 101 19.96 -9.72 4.54
N LEU C 102 19.30 -10.77 4.08
CA LEU C 102 19.79 -12.17 4.23
C LEU C 102 21.02 -12.43 3.34
N GLY C 103 21.25 -11.64 2.29
CA GLY C 103 22.36 -11.87 1.34
C GLY C 103 22.15 -13.09 0.45
N VAL C 104 20.94 -13.65 0.38
CA VAL C 104 20.65 -14.87 -0.45
C VAL C 104 20.82 -14.54 -1.93
N ASN C 105 21.11 -15.56 -2.74
CA ASN C 105 21.19 -15.40 -4.22
C ASN C 105 19.89 -15.83 -4.89
N SER C 106 18.92 -16.36 -4.14
CA SER C 106 17.65 -16.83 -4.72
C SER C 106 16.60 -16.85 -3.64
N VAL C 107 15.35 -16.78 -4.07
CA VAL C 107 14.18 -16.72 -3.16
C VAL C 107 13.00 -17.31 -3.92
N ALA C 108 12.23 -18.13 -3.22
CA ALA C 108 10.98 -18.77 -3.64
C ALA C 108 9.86 -17.91 -3.07
N ILE C 109 9.01 -17.37 -3.95
N ILE C 109 8.98 -17.42 -3.94
CA ILE C 109 7.93 -16.41 -3.56
CA ILE C 109 7.92 -16.45 -3.53
C ILE C 109 6.59 -16.89 -4.12
C ILE C 109 6.59 -16.88 -4.12
N PRO C 110 5.51 -16.85 -3.30
CA PRO C 110 4.17 -17.04 -3.80
C PRO C 110 3.51 -15.68 -4.07
N LEU C 111 2.37 -15.66 -4.75
CA LEU C 111 1.71 -14.36 -5.05
C LEU C 111 0.85 -14.02 -3.84
N LEU C 112 1.26 -12.99 -3.12
CA LEU C 112 0.57 -12.58 -1.89
C LEU C 112 -0.83 -12.07 -2.24
N SER C 113 -1.79 -12.37 -1.36
CA SER C 113 -3.16 -11.84 -1.37
C SER C 113 -3.96 -12.42 -2.54
N THR C 114 -3.62 -13.61 -3.05
CA THR C 114 -4.33 -14.19 -4.24
C THR C 114 -5.13 -15.45 -3.94
N GLY C 115 -4.98 -16.03 -2.74
CA GLY C 115 -5.78 -17.22 -2.36
C GLY C 115 -6.97 -16.77 -1.52
N VAL C 116 -7.06 -17.33 -0.30
CA VAL C 116 -8.09 -16.96 0.72
C VAL C 116 -8.16 -15.43 0.80
N TYR C 117 -7.00 -14.76 0.87
CA TYR C 117 -6.88 -13.30 1.13
C TYR C 117 -7.29 -12.46 -0.09
N SER C 118 -7.68 -13.09 -1.20
CA SER C 118 -8.08 -12.38 -2.44
C SER C 118 -9.44 -11.67 -2.31
N GLY C 119 -10.25 -11.97 -1.31
CA GLY C 119 -11.63 -11.46 -1.25
C GLY C 119 -12.45 -11.87 -2.46
N GLY C 120 -12.15 -13.04 -3.03
CA GLY C 120 -12.89 -13.64 -4.16
C GLY C 120 -12.58 -13.02 -5.50
N LYS C 121 -11.54 -12.18 -5.63
CA LYS C 121 -11.19 -11.51 -6.92
C LYS C 121 -9.90 -12.12 -7.47
N ASP C 122 -9.74 -12.08 -8.79
CA ASP C 122 -8.49 -12.46 -9.49
C ASP C 122 -7.47 -11.34 -9.27
N ARG C 123 -6.43 -11.58 -8.46
CA ARG C 123 -5.40 -10.57 -8.15
C ARG C 123 -4.05 -10.95 -8.73
N LEU C 124 -4.00 -11.78 -9.77
CA LEU C 124 -2.71 -12.17 -10.38
C LEU C 124 -1.92 -10.92 -10.81
N THR C 125 -2.50 -10.08 -11.69
CA THR C 125 -1.78 -8.90 -12.24
C THR C 125 -1.42 -7.94 -11.11
N GLN C 126 -2.34 -7.67 -10.19
CA GLN C 126 -2.08 -6.72 -9.08
C GLN C 126 -0.91 -7.23 -8.23
N SER C 127 -1.00 -8.48 -7.78
CA SER C 127 0.02 -9.08 -6.88
C SER C 127 1.37 -9.12 -7.61
N LEU C 128 1.37 -9.60 -8.86
CA LEU C 128 2.61 -9.72 -9.65
C LEU C 128 3.24 -8.34 -9.89
N ASN C 129 2.43 -7.32 -10.17
CA ASN C 129 2.93 -5.93 -10.37
C ASN C 129 3.61 -5.47 -9.08
N HIS C 130 3.02 -5.72 -7.91
CA HIS C 130 3.65 -5.28 -6.65
C HIS C 130 4.94 -6.07 -6.39
N LEU C 131 4.95 -7.33 -6.80
CA LEU C 131 6.13 -8.23 -6.63
C LEU C 131 7.27 -7.62 -7.44
N PHE C 132 7.03 -7.34 -8.70
CA PHE C 132 8.07 -6.76 -9.58
C PHE C 132 8.51 -5.39 -9.05
N THR C 133 7.57 -4.52 -8.64
CA THR C 133 7.91 -3.16 -8.16
C THR C 133 8.93 -3.26 -7.01
N ALA C 134 8.75 -4.22 -6.09
CA ALA C 134 9.62 -4.46 -4.94
C ALA C 134 10.89 -5.19 -5.36
N MET C 135 10.78 -6.22 -6.20
CA MET C 135 11.92 -7.17 -6.38
C MET C 135 12.84 -6.74 -7.52
N ASP C 136 12.43 -5.80 -8.38
CA ASP C 136 13.28 -5.45 -9.55
C ASP C 136 14.63 -4.87 -9.12
N SER C 137 14.71 -4.16 -7.97
CA SER C 137 15.97 -3.51 -7.50
C SER C 137 16.83 -4.51 -6.72
N THR C 138 16.36 -5.73 -6.48
CA THR C 138 17.14 -6.82 -5.84
C THR C 138 17.93 -7.60 -6.85
N ASP C 139 19.04 -8.24 -6.44
CA ASP C 139 19.89 -9.05 -7.34
C ASP C 139 19.74 -10.55 -7.07
N ALA C 140 18.72 -10.97 -6.32
CA ALA C 140 18.41 -12.40 -6.11
C ALA C 140 17.68 -12.97 -7.33
N ASP C 141 17.97 -14.24 -7.67
CA ASP C 141 17.09 -15.01 -8.55
C ASP C 141 15.76 -15.17 -7.84
N VAL C 142 14.69 -14.73 -8.48
CA VAL C 142 13.33 -14.83 -7.91
C VAL C 142 12.59 -15.94 -8.63
N VAL C 143 12.04 -16.87 -7.87
CA VAL C 143 11.30 -18.02 -8.46
C VAL C 143 9.93 -17.96 -7.87
N ILE C 144 8.96 -17.62 -8.71
CA ILE C 144 7.53 -17.49 -8.32
C ILE C 144 6.89 -18.85 -8.40
N TYR C 145 6.27 -19.29 -7.31
CA TYR C 145 5.59 -20.61 -7.26
C TYR C 145 4.08 -20.38 -7.37
N CYS C 146 3.44 -21.15 -8.22
CA CYS C 146 1.97 -21.17 -8.35
C CYS C 146 1.53 -22.62 -8.47
N ARG C 147 0.21 -22.87 -8.54
CA ARG C 147 -0.30 -24.24 -8.78
C ARG C 147 -1.44 -24.26 -9.81
N ASP C 148 -1.93 -23.10 -10.27
CA ASP C 148 -2.89 -23.05 -11.39
C ASP C 148 -2.14 -22.97 -12.72
N LYS C 149 -2.49 -23.82 -13.69
CA LYS C 149 -1.81 -23.88 -15.01
C LYS C 149 -2.05 -22.60 -15.82
N GLU C 150 -3.25 -22.01 -15.75
CA GLU C 150 -3.55 -20.73 -16.44
C GLU C 150 -2.70 -19.60 -15.81
N TRP C 151 -2.53 -19.61 -14.50
CA TRP C 151 -1.70 -18.60 -13.81
C TRP C 151 -0.24 -18.79 -14.21
N GLU C 152 0.25 -20.03 -14.26
CA GLU C 152 1.65 -20.29 -14.66
C GLU C 152 1.90 -19.63 -16.02
N LYS C 153 0.96 -19.74 -16.93
CA LYS C 153 1.12 -19.19 -18.31
C LYS C 153 1.11 -17.65 -18.28
N LYS C 154 0.19 -17.02 -17.57
CA LYS C 154 0.12 -15.54 -17.47
C LYS C 154 1.37 -14.97 -16.79
N ILE C 155 1.86 -15.62 -15.72
CA ILE C 155 3.10 -15.13 -15.03
C ILE C 155 4.29 -15.28 -15.97
N SER C 156 4.39 -16.43 -16.64
CA SER C 156 5.46 -16.68 -17.61
C SER C 156 5.47 -15.57 -18.68
N GLU C 157 4.30 -15.23 -19.21
CA GLU C 157 4.17 -14.21 -20.29
C GLU C 157 4.60 -12.85 -19.74
N ALA C 158 4.08 -12.48 -18.57
CA ALA C 158 4.44 -11.21 -17.89
C ALA C 158 5.95 -11.14 -17.71
N ILE C 159 6.62 -12.22 -17.34
CA ILE C 159 8.09 -12.20 -17.13
C ILE C 159 8.77 -11.98 -18.48
N GLN C 160 8.36 -12.73 -19.50
CA GLN C 160 9.03 -12.70 -20.82
C GLN C 160 8.83 -11.34 -21.50
N MET C 161 7.67 -10.69 -21.29
CA MET C 161 7.30 -9.39 -21.90
C MET C 161 8.30 -8.29 -21.53
N ARG C 162 9.15 -8.51 -20.52
CA ARG C 162 10.11 -7.47 -20.00
C ARG C 162 11.56 -7.84 -20.35
N THR C 163 11.84 -9.07 -20.80
CA THR C 163 13.22 -9.56 -21.09
C THR C 163 13.70 -8.96 -22.42
N PRO D 5 43.15 11.91 -12.30
CA PRO D 5 42.02 12.32 -13.14
C PRO D 5 41.62 13.79 -12.94
N SER D 6 40.90 14.36 -13.92
N SER D 6 40.87 14.35 -13.88
CA SER D 6 40.23 15.69 -13.85
CA SER D 6 40.24 15.70 -13.81
C SER D 6 38.73 15.49 -13.58
C SER D 6 38.72 15.55 -13.69
N TYR D 7 38.08 16.47 -12.97
CA TYR D 7 36.61 16.43 -12.69
C TYR D 7 35.93 17.70 -13.17
N ARG D 8 34.80 17.52 -13.84
CA ARG D 8 33.86 18.61 -14.21
C ARG D 8 32.44 18.12 -13.91
N VAL D 9 31.49 19.04 -13.89
CA VAL D 9 30.05 18.70 -13.72
C VAL D 9 29.28 19.42 -14.82
N LYS D 10 28.34 18.72 -15.46
CA LYS D 10 27.41 19.33 -16.44
C LYS D 10 25.99 19.07 -15.94
N ARG D 11 25.14 20.09 -16.02
CA ARG D 11 23.69 19.97 -15.76
C ARG D 11 23.07 19.70 -17.12
N MET D 12 23.00 18.43 -17.50
CA MET D 12 22.41 18.02 -18.79
C MET D 12 22.22 16.50 -18.81
N ASP D 13 21.46 16.07 -19.80
CA ASP D 13 21.10 14.65 -19.99
C ASP D 13 22.38 13.88 -20.33
N ILE D 14 22.75 12.94 -19.47
CA ILE D 14 23.95 12.10 -19.69
C ILE D 14 23.81 11.32 -21.02
N ALA D 15 22.59 11.12 -21.54
CA ALA D 15 22.35 10.43 -22.83
C ALA D 15 22.94 11.29 -23.95
N LYS D 16 23.26 12.55 -23.67
CA LYS D 16 23.86 13.46 -24.69
C LYS D 16 25.28 13.86 -24.30
N ASN D 17 26.01 13.01 -23.58
CA ASN D 17 27.35 13.38 -23.10
C ASN D 17 28.33 13.53 -24.28
N ASP D 18 29.48 14.14 -23.98
CA ASP D 18 30.55 14.46 -24.94
C ASP D 18 31.79 13.64 -24.57
N GLU D 19 31.63 12.53 -23.85
CA GLU D 19 32.78 11.69 -23.42
C GLU D 19 32.83 10.37 -24.20
N GLU D 20 33.94 9.63 -24.04
CA GLU D 20 34.25 8.40 -24.83
C GLU D 20 33.43 7.19 -24.35
N CYS D 21 32.82 7.28 -23.16
CA CYS D 21 31.97 6.19 -22.63
C CYS D 21 31.06 6.75 -21.55
N VAL D 22 30.06 5.97 -21.19
CA VAL D 22 29.01 6.40 -20.23
C VAL D 22 28.88 5.34 -19.17
N VAL D 23 28.60 5.80 -17.96
CA VAL D 23 28.19 4.91 -16.84
C VAL D 23 26.69 5.01 -16.70
N ASN D 24 26.04 3.87 -16.77
CA ASN D 24 24.59 3.79 -16.55
C ASN D 24 24.37 3.59 -15.06
N ALA D 25 23.38 4.29 -14.50
CA ALA D 25 22.84 4.00 -13.15
C ALA D 25 21.86 2.84 -13.33
N ALA D 26 22.40 1.62 -13.39
CA ALA D 26 21.70 0.40 -13.84
C ALA D 26 20.93 -0.21 -12.67
N ASN D 27 19.91 -0.98 -13.02
CA ASN D 27 19.29 -1.95 -12.08
C ASN D 27 19.96 -3.30 -12.29
N PRO D 28 19.90 -4.20 -11.29
CA PRO D 28 20.58 -5.47 -11.42
C PRO D 28 20.09 -6.39 -12.54
N ARG D 29 18.87 -6.17 -13.03
CA ARG D 29 18.15 -7.11 -13.94
C ARG D 29 18.35 -6.68 -15.38
N GLY D 30 19.04 -5.55 -15.62
CA GLY D 30 19.19 -5.02 -16.99
C GLY D 30 17.88 -4.56 -17.59
N LEU D 31 16.94 -4.09 -16.77
CA LEU D 31 15.64 -3.60 -17.27
C LEU D 31 15.81 -2.15 -17.69
N PRO D 32 14.91 -1.65 -18.58
CA PRO D 32 14.92 -0.25 -19.01
C PRO D 32 14.92 0.76 -17.87
N GLY D 33 14.09 0.51 -16.85
CA GLY D 33 14.13 1.26 -15.59
C GLY D 33 13.47 2.61 -15.74
N ASP D 34 13.92 3.59 -14.96
CA ASP D 34 13.48 5.01 -15.04
C ASP D 34 14.70 5.90 -14.75
N GLY D 35 14.52 7.22 -14.78
CA GLY D 35 15.60 8.20 -14.62
C GLY D 35 16.68 7.99 -15.66
N VAL D 36 17.94 8.10 -15.22
CA VAL D 36 19.16 7.94 -16.07
C VAL D 36 19.03 6.63 -16.87
N CYS D 37 18.63 5.55 -16.21
CA CYS D 37 18.62 4.18 -16.79
C CYS D 37 17.72 4.19 -18.01
N LYS D 38 16.56 4.84 -17.90
CA LYS D 38 15.58 4.90 -19.01
C LYS D 38 16.17 5.73 -20.17
N ALA D 39 16.91 6.80 -19.89
CA ALA D 39 17.50 7.68 -20.92
C ALA D 39 18.62 6.92 -21.63
N VAL D 40 19.35 6.12 -20.90
CA VAL D 40 20.44 5.25 -21.42
C VAL D 40 19.82 4.16 -22.29
N TYR D 41 18.69 3.58 -21.86
CA TYR D 41 17.97 2.54 -22.65
C TYR D 41 17.48 3.14 -23.99
N LYS D 42 16.96 4.37 -23.96
CA LYS D 42 16.43 5.05 -25.17
C LYS D 42 17.59 5.40 -26.11
N LYS D 43 18.77 5.74 -25.57
CA LYS D 43 19.94 6.19 -26.38
C LYS D 43 20.75 5.00 -26.87
N TRP D 44 21.01 4.02 -26.02
CA TRP D 44 21.90 2.86 -26.34
C TRP D 44 21.19 1.55 -25.99
N PRO D 45 20.00 1.25 -26.56
CA PRO D 45 19.27 0.03 -26.20
C PRO D 45 20.09 -1.24 -26.45
N GLU D 46 21.00 -1.25 -27.45
CA GLU D 46 21.79 -2.45 -27.76
C GLU D 46 22.67 -2.83 -26.57
N SER D 47 23.04 -1.86 -25.73
CA SER D 47 23.97 -2.09 -24.60
C SER D 47 23.25 -2.87 -23.48
N PHE D 48 21.95 -3.11 -23.57
CA PHE D 48 21.21 -3.86 -22.53
C PHE D 48 21.17 -5.38 -22.75
N LYS D 49 21.82 -5.87 -23.81
CA LYS D 49 21.95 -7.33 -24.09
C LYS D 49 22.88 -7.92 -23.02
N ASN D 50 22.33 -8.76 -22.14
CA ASN D 50 23.08 -9.41 -21.04
C ASN D 50 23.80 -8.35 -20.19
N SER D 51 23.11 -7.26 -19.86
CA SER D 51 23.66 -6.19 -18.99
C SER D 51 23.37 -6.51 -17.52
N ALA D 52 22.55 -7.52 -17.24
CA ALA D 52 22.16 -7.89 -15.86
C ALA D 52 23.43 -8.22 -15.08
N THR D 53 23.54 -7.71 -13.86
CA THR D 53 24.77 -7.85 -13.07
C THR D 53 24.38 -7.57 -11.63
N PRO D 54 25.07 -8.14 -10.64
CA PRO D 54 24.63 -7.95 -9.28
C PRO D 54 24.92 -6.54 -8.74
N VAL D 55 24.25 -6.21 -7.65
CA VAL D 55 24.53 -4.98 -6.85
C VAL D 55 26.02 -4.90 -6.53
N GLY D 56 26.58 -3.69 -6.65
CA GLY D 56 27.99 -3.39 -6.36
C GLY D 56 28.95 -3.84 -7.46
N THR D 57 28.45 -4.14 -8.66
CA THR D 57 29.26 -4.57 -9.82
C THR D 57 29.02 -3.62 -11.00
N ALA D 58 29.97 -3.63 -11.92
CA ALA D 58 29.84 -2.93 -13.21
C ALA D 58 29.96 -3.96 -14.35
N LYS D 59 29.14 -3.81 -15.37
CA LYS D 59 29.25 -4.69 -16.55
C LYS D 59 29.20 -3.80 -17.78
N THR D 60 30.22 -3.86 -18.60
CA THR D 60 30.33 -3.02 -19.82
C THR D 60 29.75 -3.78 -21.00
N VAL D 61 28.81 -3.17 -21.71
CA VAL D 61 28.29 -3.70 -23.00
C VAL D 61 28.42 -2.59 -24.04
N MET D 62 28.91 -2.93 -25.22
CA MET D 62 29.11 -1.96 -26.31
C MET D 62 27.79 -1.70 -27.00
N CYS D 63 27.54 -0.45 -27.35
CA CYS D 63 26.53 -0.06 -28.35
C CYS D 63 27.30 0.44 -29.57
N GLY D 64 27.33 -0.36 -30.63
CA GLY D 64 28.38 -0.19 -31.65
C GLY D 64 29.76 -0.32 -31.02
N THR D 65 30.56 0.75 -31.01
CA THR D 65 31.88 0.77 -30.36
C THR D 65 31.84 1.68 -29.12
N TYR D 66 30.67 2.17 -28.72
CA TYR D 66 30.49 3.08 -27.58
C TYR D 66 30.22 2.27 -26.32
N PRO D 67 31.14 2.28 -25.32
CA PRO D 67 31.00 1.45 -24.13
C PRO D 67 29.98 2.06 -23.18
N VAL D 68 29.04 1.23 -22.72
CA VAL D 68 28.06 1.60 -21.67
C VAL D 68 28.44 0.74 -20.46
N ILE D 69 28.90 1.37 -19.39
CA ILE D 69 29.34 0.69 -18.15
C ILE D 69 28.11 0.66 -17.26
N HIS D 70 27.41 -0.48 -17.20
CA HIS D 70 26.22 -0.63 -16.34
C HIS D 70 26.74 -0.82 -14.92
N ALA D 71 26.56 0.20 -14.08
CA ALA D 71 26.98 0.16 -12.65
C ALA D 71 25.73 0.07 -11.76
N VAL D 72 25.67 -0.95 -10.91
CA VAL D 72 24.46 -1.26 -10.10
C VAL D 72 24.73 -0.79 -8.66
N GLY D 73 24.31 0.42 -8.37
CA GLY D 73 24.33 0.96 -7.00
C GLY D 73 23.26 0.24 -6.20
N PRO D 74 23.41 0.23 -4.86
CA PRO D 74 22.39 -0.38 -4.03
C PRO D 74 21.15 0.50 -3.93
N ASN D 75 20.01 -0.15 -3.79
CA ASN D 75 18.72 0.52 -3.47
C ASN D 75 18.64 0.63 -1.94
N PHE D 76 18.77 1.85 -1.41
CA PHE D 76 18.80 2.12 0.05
C PHE D 76 17.41 1.88 0.69
N SER D 77 16.37 1.68 -0.12
CA SER D 77 15.06 1.15 0.35
C SER D 77 15.19 -0.31 0.79
N ASN D 78 16.20 -1.03 0.27
CA ASN D 78 16.38 -2.49 0.55
C ASN D 78 17.52 -2.70 1.54
N TYR D 79 18.63 -1.97 1.37
CA TYR D 79 19.88 -2.16 2.12
C TYR D 79 19.87 -1.25 3.34
N THR D 80 20.52 -1.71 4.41
CA THR D 80 20.87 -0.86 5.56
C THR D 80 21.86 0.21 5.14
N GLU D 81 21.95 1.28 5.91
CA GLU D 81 22.97 2.32 5.65
C GLU D 81 24.31 1.63 5.53
N SER D 82 24.63 0.73 6.47
CA SER D 82 25.97 0.10 6.54
C SER D 82 26.24 -0.73 5.28
N GLU D 83 25.35 -1.65 4.95
CA GLU D 83 25.58 -2.62 3.84
C GLU D 83 25.51 -1.84 2.52
N GLY D 84 24.58 -0.89 2.39
CA GLY D 84 24.47 -0.05 1.18
C GLY D 84 25.73 0.75 0.96
N ASP D 85 26.29 1.31 2.03
CA ASP D 85 27.52 2.15 1.92
C ASP D 85 28.62 1.34 1.26
N ARG D 86 28.74 0.08 1.65
CA ARG D 86 29.78 -0.83 1.17
C ARG D 86 29.53 -1.10 -0.34
N GLU D 87 28.28 -1.38 -0.71
CA GLU D 87 27.94 -1.74 -2.12
C GLU D 87 28.09 -0.49 -3.01
N LEU D 88 27.82 0.71 -2.49
CA LEU D 88 27.96 1.96 -3.28
C LEU D 88 29.44 2.18 -3.55
N ALA D 89 30.30 2.02 -2.56
CA ALA D 89 31.77 2.05 -2.74
C ALA D 89 32.16 1.02 -3.80
N ALA D 90 31.64 -0.22 -3.72
CA ALA D 90 32.06 -1.33 -4.61
C ALA D 90 31.65 -1.00 -6.05
N ALA D 91 30.44 -0.49 -6.26
CA ALA D 91 29.95 -0.16 -7.62
C ALA D 91 30.92 0.82 -8.29
N TYR D 92 31.28 1.88 -7.58
CA TYR D 92 32.24 2.90 -8.09
C TYR D 92 33.64 2.30 -8.31
N ARG D 93 34.12 1.46 -7.39
N ARG D 93 34.12 1.47 -7.38
CA ARG D 93 35.40 0.71 -7.55
CA ARG D 93 35.39 0.70 -7.53
C ARG D 93 35.36 -0.07 -8.86
C ARG D 93 35.36 -0.07 -8.86
N GLU D 94 34.25 -0.77 -9.14
CA GLU D 94 34.12 -1.60 -10.36
C GLU D 94 34.02 -0.69 -11.60
N VAL D 95 33.37 0.47 -11.51
CA VAL D 95 33.39 1.46 -12.63
C VAL D 95 34.84 1.86 -12.94
N ALA D 96 35.61 2.25 -11.93
CA ALA D 96 37.00 2.73 -12.10
C ALA D 96 37.83 1.65 -12.82
N LYS D 97 37.65 0.39 -12.45
CA LYS D 97 38.40 -0.76 -13.03
C LYS D 97 38.04 -0.92 -14.51
N GLU D 98 36.76 -0.75 -14.86
CA GLU D 98 36.29 -0.81 -16.28
C GLU D 98 36.83 0.39 -17.09
N VAL D 99 36.83 1.58 -16.52
CA VAL D 99 37.33 2.81 -17.21
C VAL D 99 38.82 2.62 -17.55
N THR D 100 39.61 2.13 -16.60
CA THR D 100 41.06 1.82 -16.80
C THR D 100 41.17 0.75 -17.89
N ARG D 101 40.44 -0.36 -17.74
CA ARG D 101 40.54 -1.52 -18.67
C ARG D 101 40.25 -1.04 -20.09
N LEU D 102 39.25 -0.18 -20.27
CA LEU D 102 38.82 0.28 -21.61
C LEU D 102 39.83 1.26 -22.19
N GLY D 103 40.70 1.86 -21.36
CA GLY D 103 41.75 2.79 -21.85
C GLY D 103 41.17 4.08 -22.39
N VAL D 104 39.93 4.42 -22.01
CA VAL D 104 39.26 5.66 -22.47
C VAL D 104 39.96 6.89 -21.87
N ASN D 105 39.84 8.02 -22.55
CA ASN D 105 40.36 9.34 -22.10
C ASN D 105 39.33 10.03 -21.22
N SER D 106 38.05 9.67 -21.35
CA SER D 106 36.97 10.41 -20.67
C SER D 106 35.80 9.49 -20.39
N VAL D 107 35.02 9.86 -19.38
CA VAL D 107 33.83 9.09 -18.96
C VAL D 107 32.81 10.06 -18.39
N ALA D 108 31.56 9.84 -18.78
CA ALA D 108 30.35 10.50 -18.29
C ALA D 108 29.79 9.60 -17.21
N ILE D 109 29.52 10.15 -16.02
N ILE D 109 29.59 10.13 -16.00
CA ILE D 109 29.14 9.37 -14.80
CA ILE D 109 29.14 9.38 -14.79
C ILE D 109 28.04 10.11 -14.04
C ILE D 109 28.00 10.14 -14.10
N PRO D 110 26.95 9.42 -13.66
CA PRO D 110 25.91 10.00 -12.82
C PRO D 110 26.22 9.65 -11.38
N LEU D 111 25.53 10.27 -10.43
CA LEU D 111 25.74 9.94 -9.00
C LEU D 111 24.86 8.73 -8.68
N LEU D 112 25.49 7.57 -8.50
CA LEU D 112 24.81 6.31 -8.23
C LEU D 112 24.04 6.45 -6.92
N SER D 113 22.86 5.85 -6.88
CA SER D 113 22.03 5.66 -5.67
C SER D 113 21.49 6.98 -5.11
N THR D 114 21.40 8.05 -5.92
CA THR D 114 20.94 9.40 -5.49
C THR D 114 19.53 9.71 -5.97
N GLY D 115 18.95 8.86 -6.82
CA GLY D 115 17.57 9.03 -7.30
C GLY D 115 16.62 8.12 -6.57
N VAL D 116 15.93 7.25 -7.32
CA VAL D 116 14.89 6.34 -6.74
C VAL D 116 15.58 5.30 -5.85
N TYR D 117 16.90 5.08 -5.98
CA TYR D 117 17.62 4.14 -5.07
C TYR D 117 18.11 4.84 -3.79
N SER D 118 17.76 6.11 -3.56
CA SER D 118 18.28 6.92 -2.41
C SER D 118 17.55 6.57 -1.11
N GLY D 119 16.41 5.88 -1.16
CA GLY D 119 15.60 5.56 0.03
C GLY D 119 15.06 6.84 0.66
N GLY D 120 14.73 7.83 -0.18
CA GLY D 120 14.15 9.13 0.20
C GLY D 120 15.15 10.07 0.88
N LYS D 121 16.45 9.78 0.82
CA LYS D 121 17.50 10.53 1.55
C LYS D 121 18.37 11.28 0.54
N ASP D 122 18.93 12.42 0.96
CA ASP D 122 19.89 13.20 0.13
C ASP D 122 21.25 12.52 0.24
N ARG D 123 21.72 11.93 -0.85
CA ARG D 123 22.97 11.13 -0.90
C ARG D 123 24.01 11.79 -1.83
N LEU D 124 23.88 13.07 -2.14
CA LEU D 124 24.85 13.77 -3.03
C LEU D 124 26.28 13.60 -2.47
N THR D 125 26.53 13.97 -1.21
CA THR D 125 27.90 13.97 -0.63
C THR D 125 28.42 12.52 -0.55
N GLN D 126 27.57 11.60 -0.12
CA GLN D 126 27.98 10.19 0.07
C GLN D 126 28.36 9.60 -1.31
N SER D 127 27.50 9.80 -2.30
CA SER D 127 27.73 9.23 -3.67
C SER D 127 28.96 9.88 -4.30
N LEU D 128 29.06 11.21 -4.26
CA LEU D 128 30.21 11.98 -4.82
C LEU D 128 31.49 11.54 -4.11
N ASN D 129 31.45 11.27 -2.80
CA ASN D 129 32.68 10.89 -2.07
C ASN D 129 33.17 9.52 -2.54
N HIS D 130 32.29 8.53 -2.72
CA HIS D 130 32.66 7.20 -3.28
C HIS D 130 33.17 7.34 -4.72
N LEU D 131 32.54 8.22 -5.50
CA LEU D 131 32.94 8.48 -6.91
C LEU D 131 34.41 8.96 -6.90
N PHE D 132 34.72 9.97 -6.09
CA PHE D 132 36.08 10.58 -6.05
C PHE D 132 37.10 9.50 -5.68
N THR D 133 36.80 8.71 -4.64
CA THR D 133 37.71 7.66 -4.09
C THR D 133 38.01 6.62 -5.17
N ALA D 134 37.00 6.16 -5.90
CA ALA D 134 37.18 5.19 -7.00
C ALA D 134 37.93 5.85 -8.17
N MET D 135 37.46 6.99 -8.64
CA MET D 135 37.91 7.54 -9.95
C MET D 135 39.28 8.20 -9.79
N ASP D 136 39.69 8.57 -8.56
CA ASP D 136 41.04 9.14 -8.33
C ASP D 136 42.10 8.12 -8.78
N SER D 137 41.79 6.84 -8.86
CA SER D 137 42.74 5.75 -9.23
C SER D 137 42.85 5.63 -10.75
N THR D 138 42.09 6.40 -11.52
CA THR D 138 42.15 6.47 -13.00
C THR D 138 42.86 7.76 -13.43
N ASP D 139 43.20 7.88 -14.71
CA ASP D 139 43.81 9.10 -15.30
C ASP D 139 42.83 9.70 -16.32
N ALA D 140 41.56 9.28 -16.27
CA ALA D 140 40.53 9.73 -17.23
C ALA D 140 39.97 11.09 -16.80
N ASP D 141 39.52 11.87 -17.79
CA ASP D 141 38.69 13.06 -17.56
C ASP D 141 37.33 12.54 -17.16
N VAL D 142 36.87 12.94 -15.98
CA VAL D 142 35.57 12.50 -15.44
C VAL D 142 34.63 13.67 -15.53
N VAL D 143 33.49 13.46 -16.15
CA VAL D 143 32.41 14.47 -16.26
C VAL D 143 31.18 13.91 -15.57
N ILE D 144 30.79 14.55 -14.47
CA ILE D 144 29.62 14.13 -13.67
C ILE D 144 28.42 14.85 -14.24
N TYR D 145 27.33 14.12 -14.48
CA TYR D 145 26.09 14.68 -15.05
C TYR D 145 25.05 14.70 -13.92
N CYS D 146 24.34 15.82 -13.78
CA CYS D 146 23.20 16.00 -12.84
C CYS D 146 22.13 16.78 -13.59
N ARG D 147 20.92 16.85 -13.05
N ARG D 147 20.94 16.82 -13.00
CA ARG D 147 19.79 17.62 -13.66
CA ARG D 147 19.70 17.46 -13.54
C ARG D 147 19.43 18.83 -12.79
C ARG D 147 19.45 18.78 -12.79
N ASP D 148 19.70 18.78 -11.49
CA ASP D 148 19.30 19.86 -10.55
C ASP D 148 20.34 21.00 -10.48
N LYS D 149 19.89 22.26 -10.52
CA LYS D 149 20.79 23.45 -10.48
C LYS D 149 21.57 23.52 -9.17
N GLU D 150 20.91 23.24 -8.03
CA GLU D 150 21.54 23.27 -6.68
C GLU D 150 22.51 22.09 -6.56
N TRP D 151 22.19 20.95 -7.18
CA TRP D 151 23.11 19.78 -7.19
C TRP D 151 24.36 20.14 -8.01
N GLU D 152 24.18 20.73 -9.20
CA GLU D 152 25.30 21.24 -10.03
C GLU D 152 26.19 22.11 -9.13
N LYS D 153 25.59 23.06 -8.41
CA LYS D 153 26.35 24.04 -7.59
C LYS D 153 27.17 23.28 -6.56
N LYS D 154 26.52 22.37 -5.83
CA LYS D 154 27.12 21.59 -4.72
C LYS D 154 28.23 20.69 -5.27
N ILE D 155 27.99 19.99 -6.39
CA ILE D 155 29.01 19.14 -7.04
C ILE D 155 30.19 20.02 -7.47
N SER D 156 29.90 21.16 -8.09
CA SER D 156 30.97 22.09 -8.52
C SER D 156 31.86 22.50 -7.34
N GLU D 157 31.24 22.97 -6.25
CA GLU D 157 31.91 23.37 -4.98
C GLU D 157 32.81 22.22 -4.53
N ALA D 158 32.25 21.02 -4.40
CA ALA D 158 32.97 19.82 -3.93
C ALA D 158 34.21 19.57 -4.79
N ILE D 159 34.11 19.76 -6.11
CA ILE D 159 35.26 19.57 -7.02
C ILE D 159 36.32 20.63 -6.71
N GLN D 160 35.90 21.89 -6.64
CA GLN D 160 36.79 23.08 -6.44
C GLN D 160 37.48 22.97 -5.08
N MET D 161 36.74 22.56 -4.04
CA MET D 161 37.19 22.59 -2.62
C MET D 161 38.35 21.63 -2.40
N ARG D 162 38.31 20.45 -3.04
CA ARG D 162 39.27 19.32 -2.79
C ARG D 162 40.61 19.56 -3.51
N THR D 163 40.74 20.62 -4.30
CA THR D 163 41.98 20.97 -5.04
C THR D 163 42.99 21.62 -4.08
S DMS E . -2.24 7.60 4.18
O DMS E . -1.85 7.30 2.75
C1 DMS E . -3.66 8.62 4.11
C2 DMS E . -1.10 8.84 4.75
S DMS F . -10.89 22.28 -5.29
O DMS F . -9.56 21.67 -4.94
C1 DMS F . -11.10 22.05 -7.03
C2 DMS F . -10.59 24.03 -5.32
S DMS G . -22.02 21.99 0.58
O DMS G . -21.91 21.53 -0.84
C1 DMS G . -23.19 20.90 1.36
C2 DMS G . -23.07 23.43 0.55
C TRS H . -11.92 21.82 -22.99
C1 TRS H . -12.88 20.65 -22.78
C2 TRS H . -10.48 21.40 -22.75
C3 TRS H . -12.10 22.39 -24.41
N TRS H . -12.28 22.90 -22.00
O1 TRS H . -14.24 21.03 -22.92
O2 TRS H . -9.93 20.71 -23.87
O3 TRS H . -11.01 23.23 -24.78
S DMS I . -3.93 5.00 -16.67
O DMS I . -5.32 4.64 -16.29
C1 DMS I . -3.24 5.89 -15.31
C2 DMS I . -4.04 6.38 -17.79
S DMS J . -16.74 19.53 -3.62
O DMS J . -16.28 18.87 -4.90
C1 DMS J . -15.34 19.55 -2.52
C2 DMS J . -17.72 18.31 -2.78
S DMS K . -28.51 5.86 -1.32
O DMS K . -27.53 4.74 -1.22
C1 DMS K . -29.22 6.00 0.32
C2 DMS K . -29.94 5.27 -2.22
CL CL L . -15.62 22.12 -5.89
CL CL M . -21.71 17.87 0.62
CL CL N . -15.55 10.18 7.42
N1 A1AQH O . -16.29 14.85 0.30
C4 A1AQH O . -13.12 17.41 2.78
C5 A1AQH O . -14.81 16.09 1.41
C6 A1AQH O . -14.32 14.70 1.36
C7 A1AQH O . -17.28 14.49 -0.72
C8 A1AQH O . -16.03 16.11 0.71
N A1AQH O . -15.24 13.97 0.68
C A1AQH O . -17.27 19.53 0.89
O A1AQH O . -13.26 14.23 1.80
C1 A1AQH O . -16.38 18.35 1.05
C2 A1AQH O . -15.18 18.42 1.75
C3 A1AQH O . -14.38 17.30 1.95
N2 A1AQH O . -16.82 17.19 0.52
S DMS P . -19.78 11.53 8.50
O DMS P . -19.11 12.49 7.52
C1 DMS P . -18.69 10.13 8.67
C2 DMS P . -19.58 12.22 10.13
S DMS Q . 2.39 2.44 -3.75
O DMS Q . 1.25 1.84 -2.98
C1 DMS Q . 3.57 3.00 -2.54
C2 DMS Q . 1.84 4.03 -4.29
S DMS R . -10.03 0.56 25.01
O DMS R . -11.36 0.40 24.28
C1 DMS R . -9.00 1.47 23.92
C2 DMS R . -9.21 -1.01 24.93
S DMS S . -14.06 5.87 23.59
O DMS S . -14.87 6.83 22.76
C1 DMS S . -15.25 4.89 24.50
C2 DMS S . -13.52 6.86 24.94
S DMS T . -4.12 -0.74 29.03
O DMS T . -5.50 -1.15 28.61
C1 DMS T . -3.16 -2.23 29.13
C2 DMS T . -4.19 -0.38 30.76
CL CL U . -4.90 -3.52 25.78
CL CL V . -12.66 2.51 27.21
CL CL W . -2.11 -20.49 -8.35
CL CL X . -1.93 -6.51 11.72
S DMS Y . 8.90 -32.36 7.27
O DMS Y . 9.06 -30.97 7.81
C1 DMS Y . 8.58 -32.21 5.53
C2 DMS Y . 7.29 -32.93 7.77
S DMS Z . -3.26 -17.06 5.03
O DMS Z . -1.95 -16.33 5.17
C1 DMS Z . -3.31 -18.23 6.36
C2 DMS Z . -3.04 -18.21 3.69
CL CL AA . -3.63 -15.65 0.55
S DMS BA . -6.05 -18.73 -7.77
O DMS BA . -6.45 -19.47 -9.03
C1 DMS BA . -5.24 -19.92 -6.74
C2 DMS BA . -7.54 -18.56 -6.81
N1 A1AQH CA . 1.83 -23.30 -3.92
C4 A1AQH CA . -1.34 -25.45 -1.06
C5 A1AQH CA . 0.33 -24.28 -2.60
C6 A1AQH CA . 1.66 -24.86 -2.31
C7 A1AQH CA . 2.38 -22.82 -5.17
C8 A1AQH CA . 0.51 -23.33 -3.60
N A1AQH CA . 2.53 -24.25 -3.14
C A1AQH CA . -2.73 -21.77 -4.20
O A1AQH CA . 1.97 -25.69 -1.47
C1 A1AQH CA . -1.66 -22.65 -3.61
C2 A1AQH CA . -1.95 -23.57 -2.61
C3 A1AQH CA . -0.97 -24.41 -2.10
N2 A1AQH CA . -0.42 -22.52 -4.13
C TRS DA . 28.75 -8.40 -4.15
C1 TRS DA . 28.47 -9.68 -3.36
C2 TRS DA . 29.74 -7.51 -3.40
C3 TRS DA . 29.32 -8.75 -5.54
N TRS DA . 27.47 -7.65 -4.34
O1 TRS DA . 27.75 -9.39 -2.17
O2 TRS DA . 29.89 -6.24 -4.00
O3 TRS DA . 28.50 -9.68 -6.24
S DMS EA . 18.41 7.11 -30.64
O DMS EA . 18.77 7.95 -29.44
C1 DMS EA . 16.69 6.67 -30.42
C2 DMS EA . 19.13 5.51 -30.37
S DMS FA . 16.79 2.54 -11.53
O DMS FA . 16.72 1.91 -12.88
C1 DMS FA . 16.49 4.27 -11.69
C2 DMS FA . 18.49 2.59 -11.01
S DMS GA . 33.48 -5.56 -23.19
O DMS GA . 34.12 -4.21 -22.92
C1 DMS GA . 31.83 -5.22 -23.69
C2 DMS GA . 33.13 -6.29 -21.61
CL CL HA . 20.36 15.75 -10.05
CL CL IA . 19.28 5.93 -8.46
N1 A1AQH JA . 20.85 12.83 -15.35
C4 A1AQH JA . 16.54 11.50 -16.89
C5 A1AQH JA . 18.85 12.11 -16.02
C6 A1AQH JA . 19.73 12.23 -17.20
C7 A1AQH JA . 22.06 12.66 -14.55
C8 A1AQH JA . 19.61 12.49 -14.91
N A1AQH JA . 20.93 12.69 -16.76
C A1AQH JA . 17.39 12.45 -12.02
O A1AQH JA . 19.49 11.95 -18.38
C1 A1AQH JA . 17.88 12.32 -13.44
C2 A1AQH JA . 17.03 11.97 -14.48
C3 A1AQH JA . 17.49 11.85 -15.78
N2 A1AQH JA . 19.19 12.58 -13.64
#